data_4HH3
#
_entry.id   4HH3
#
_cell.length_a   89.780
_cell.length_b   188.300
_cell.length_c   51.860
_cell.angle_alpha   90.00
_cell.angle_beta   90.00
_cell.angle_gamma   90.00
#
_symmetry.space_group_name_H-M   'P 21 21 2'
#
loop_
_entity.id
_entity.type
_entity.pdbx_description
1 polymer 'Transcriptional regulator, PpsR'
2 polymer 'AppA protein'
3 water water
#
loop_
_entity_poly.entity_id
_entity_poly.type
_entity_poly.pdbx_seq_one_letter_code
_entity_poly.pdbx_strand_id
1 'polypeptide(L)'
;GAMGMGLAGGSLPSLAPDLVRDLIATAADISLLVSQEGVVREVMANPHHPSFGQLSEWEGRPLEEVLTAESVAKFRLRSE
GLEPGRGSVAVELNHIDPRSFEFPIRYILHRLPADRSILMLGRDLRPIAEVQQQLVAAQLAMERDYETQREMETRYRVVL
DVSRDPMVLVSMSTGRIVDLNSAAGLLLGGVRQDLLGAAIAQEFEGRRRGEFMETMTNLAATESAAPVEVLARRSQKRLL
VVPRVFRAAGERLLLCQIDPAD
;
A,B
2 'polypeptide(L)'
;VEADTFALYALTEAQAGRSGRAKAVARLSDLLSTDPLGRLTEVEELLRAHAPTAADFARLFEACAERLTRALAEDRISRM
QVTLAYSALQMALRRIHHLPDPQKSVGAVLVAGVPGHKPILEAALAAEMLRAVGWSTSVVHPESVAALAARLKTSRTSTL
VVAPSLLEGTEQEADTLRFVSALRARTDLPGLSILVGGRLAQLPPSKLKDSGADAGFAHLALLPAALARVASSAHHHHHH
;
C
#
# COMPACT_ATOMS: atom_id res chain seq x y z
N LEU A 12 32.24 -37.91 4.81
CA LEU A 12 31.47 -38.53 3.73
C LEU A 12 32.34 -39.50 2.93
N PRO A 13 31.79 -40.69 2.63
CA PRO A 13 32.51 -41.72 1.86
C PRO A 13 32.50 -41.45 0.35
N SER A 14 32.99 -42.40 -0.43
CA SER A 14 33.02 -42.28 -1.89
C SER A 14 31.61 -42.33 -2.45
N LEU A 15 31.32 -41.47 -3.43
CA LEU A 15 29.96 -41.34 -3.94
C LEU A 15 29.84 -41.41 -5.47
N ALA A 16 28.96 -42.29 -5.94
CA ALA A 16 28.65 -42.42 -7.36
C ALA A 16 27.92 -41.19 -7.89
N PRO A 17 28.06 -40.90 -9.20
CA PRO A 17 27.48 -39.70 -9.79
C PRO A 17 25.95 -39.56 -9.62
N ASP A 18 25.22 -40.66 -9.76
CA ASP A 18 23.76 -40.62 -9.60
C ASP A 18 23.38 -40.22 -8.17
N LEU A 19 24.09 -40.79 -7.19
CA LEU A 19 23.87 -40.42 -5.79
C LEU A 19 24.25 -38.96 -5.54
N VAL A 20 25.38 -38.53 -6.10
CA VAL A 20 25.79 -37.13 -5.96
C VAL A 20 24.68 -36.18 -6.45
N ARG A 21 24.11 -36.49 -7.61
CA ARG A 21 23.04 -35.68 -8.17
C ARG A 21 21.84 -35.63 -7.22
N ASP A 22 21.47 -36.78 -6.68
CA ASP A 22 20.33 -36.86 -5.77
C ASP A 22 20.55 -36.10 -4.46
N LEU A 23 21.77 -36.16 -3.93
CA LEU A 23 22.11 -35.38 -2.74
C LEU A 23 21.99 -33.87 -2.97
N ILE A 24 22.54 -33.40 -4.07
CA ILE A 24 22.40 -31.98 -4.40
C ILE A 24 20.93 -31.60 -4.57
N ALA A 25 20.19 -32.44 -5.30
CA ALA A 25 18.80 -32.14 -5.65
C ALA A 25 17.92 -32.09 -4.41
N THR A 26 18.26 -32.86 -3.39
CA THR A 26 17.46 -32.87 -2.15
C THR A 26 18.02 -31.95 -1.05
N ALA A 27 19.28 -31.54 -1.16
CA ALA A 27 19.80 -30.56 -0.20
C ALA A 27 19.27 -29.16 -0.48
N ALA A 28 19.09 -28.85 -1.76
CA ALA A 28 18.48 -27.58 -2.19
C ALA A 28 16.97 -27.74 -2.30
N ASP A 29 16.23 -26.64 -2.25
CA ASP A 29 14.78 -26.69 -2.52
C ASP A 29 14.56 -26.82 -4.02
N ILE A 30 15.47 -26.21 -4.79
CA ILE A 30 15.47 -26.30 -6.24
C ILE A 30 16.89 -25.96 -6.65
N SER A 31 17.36 -26.59 -7.71
CA SER A 31 18.68 -26.26 -8.23
C SER A 31 18.69 -26.25 -9.75
N LEU A 32 19.48 -25.34 -10.31
CA LEU A 32 19.62 -25.22 -11.75
C LEU A 32 21.08 -25.41 -12.09
N LEU A 33 21.35 -26.16 -13.15
CA LEU A 33 22.69 -26.28 -13.69
C LEU A 33 22.71 -25.48 -15.00
N VAL A 34 23.58 -24.48 -15.06
CA VAL A 34 23.64 -23.58 -16.21
C VAL A 34 25.02 -23.66 -16.86
N SER A 35 25.05 -23.79 -18.18
CA SER A 35 26.33 -23.88 -18.90
C SER A 35 27.09 -22.57 -18.81
N GLN A 36 28.38 -22.61 -19.15
CA GLN A 36 29.22 -21.43 -19.15
C GLN A 36 28.63 -20.38 -20.07
N GLU A 37 27.99 -20.85 -21.14
CA GLU A 37 27.36 -20.01 -22.14
C GLU A 37 26.13 -19.29 -21.58
N GLY A 38 25.54 -19.86 -20.54
CA GLY A 38 24.37 -19.26 -19.92
C GLY A 38 23.07 -19.97 -20.25
N VAL A 39 23.19 -21.18 -20.80
CA VAL A 39 22.03 -21.98 -21.13
C VAL A 39 21.65 -22.89 -19.97
N VAL A 40 20.37 -22.93 -19.60
CA VAL A 40 19.92 -23.88 -18.60
C VAL A 40 20.13 -25.29 -19.13
N ARG A 41 20.97 -26.05 -18.42
CA ARG A 41 21.28 -27.41 -18.82
C ARG A 41 20.34 -28.39 -18.12
N GLU A 42 20.02 -28.13 -16.85
CA GLU A 42 19.16 -29.03 -16.11
C GLU A 42 18.48 -28.30 -14.95
N VAL A 43 17.18 -28.55 -14.79
CA VAL A 43 16.43 -28.11 -13.62
C VAL A 43 16.28 -29.32 -12.71
N MET A 44 16.82 -29.24 -11.49
CA MET A 44 16.84 -30.39 -10.59
C MET A 44 15.78 -30.20 -9.50
N ALA A 45 14.75 -31.01 -9.54
CA ALA A 45 13.63 -30.89 -8.61
C ALA A 45 13.89 -31.64 -7.32
N ASN A 46 13.51 -31.04 -6.19
CA ASN A 46 13.51 -31.75 -4.93
C ASN A 46 12.11 -32.30 -4.75
N PRO A 47 11.97 -33.63 -4.83
CA PRO A 47 10.63 -34.22 -4.73
C PRO A 47 10.02 -34.11 -3.33
N HIS A 48 10.82 -33.73 -2.33
CA HIS A 48 10.30 -33.60 -0.97
C HIS A 48 9.87 -32.17 -0.65
N HIS A 49 10.01 -31.29 -1.64
CA HIS A 49 9.67 -29.87 -1.45
C HIS A 49 8.45 -29.53 -2.29
N PRO A 50 7.60 -28.58 -1.84
CA PRO A 50 6.43 -28.21 -2.64
C PRO A 50 6.74 -27.96 -4.10
N SER A 51 5.88 -28.46 -4.98
CA SER A 51 6.14 -28.43 -6.41
C SER A 51 6.24 -27.02 -7.00
N PHE A 52 7.09 -26.88 -8.01
CA PHE A 52 7.21 -25.65 -8.79
C PHE A 52 6.49 -25.80 -10.13
N GLY A 53 5.84 -26.94 -10.33
CA GLY A 53 5.21 -27.24 -11.60
C GLY A 53 6.27 -27.67 -12.61
N GLN A 54 5.87 -27.78 -13.87
CA GLN A 54 6.80 -28.20 -14.92
C GLN A 54 7.74 -27.09 -15.35
N LEU A 55 9.04 -27.28 -15.11
CA LEU A 55 10.04 -26.28 -15.45
C LEU A 55 11.04 -26.79 -16.47
N SER A 56 10.81 -28.01 -16.97
CA SER A 56 11.70 -28.63 -17.95
CA SER A 56 11.70 -28.63 -17.94
C SER A 56 11.87 -27.78 -19.20
N GLU A 57 10.84 -27.00 -19.52
CA GLU A 57 10.87 -26.13 -20.70
C GLU A 57 12.00 -25.11 -20.62
N TRP A 58 12.50 -24.86 -19.42
CA TRP A 58 13.64 -23.97 -19.23
C TRP A 58 14.90 -24.59 -19.82
N GLU A 59 14.96 -25.93 -19.83
CA GLU A 59 16.15 -26.64 -20.27
C GLU A 59 16.40 -26.44 -21.78
N GLY A 60 17.60 -25.95 -22.10
CA GLY A 60 17.96 -25.66 -23.47
C GLY A 60 17.83 -24.19 -23.82
N ARG A 61 17.21 -23.42 -22.93
CA ARG A 61 17.00 -21.98 -23.14
C ARG A 61 17.97 -21.18 -22.28
N PRO A 62 18.34 -19.97 -22.73
CA PRO A 62 19.19 -19.09 -21.92
C PRO A 62 18.55 -18.82 -20.56
N LEU A 63 19.36 -18.86 -19.49
CA LEU A 63 18.86 -18.55 -18.15
C LEU A 63 18.22 -17.17 -18.14
N GLU A 64 18.77 -16.25 -18.92
CA GLU A 64 18.28 -14.88 -18.92
C GLU A 64 16.83 -14.73 -19.40
N GLU A 65 16.33 -15.74 -20.13
CA GLU A 65 14.94 -15.76 -20.55
C GLU A 65 13.97 -15.93 -19.39
N VAL A 66 14.47 -16.47 -18.28
CA VAL A 66 13.59 -16.79 -17.15
C VAL A 66 13.90 -15.95 -15.91
N LEU A 67 14.58 -14.83 -16.11
CA LEU A 67 14.90 -13.92 -15.02
C LEU A 67 14.42 -12.52 -15.37
N THR A 68 14.07 -11.73 -14.34
CA THR A 68 13.76 -10.32 -14.56
C THR A 68 15.04 -9.56 -14.92
N ALA A 69 14.88 -8.34 -15.43
CA ALA A 69 16.04 -7.57 -15.84
C ALA A 69 17.04 -7.31 -14.72
N GLU A 70 16.57 -6.91 -13.54
CA GLU A 70 17.47 -6.69 -12.42
C GLU A 70 18.14 -7.99 -11.97
N SER A 71 17.44 -9.10 -12.15
CA SER A 71 17.99 -10.40 -11.77
C SER A 71 19.04 -10.89 -12.78
N VAL A 72 18.86 -10.51 -14.04
CA VAL A 72 19.84 -10.79 -15.07
C VAL A 72 21.15 -10.08 -14.68
N ALA A 73 21.03 -8.79 -14.38
CA ALA A 73 22.20 -7.98 -14.00
C ALA A 73 22.84 -8.49 -12.72
N LYS A 74 22.01 -8.97 -11.79
CA LYS A 74 22.52 -9.49 -10.55
C LYS A 74 23.22 -10.85 -10.78
N PHE A 75 22.63 -11.67 -11.64
CA PHE A 75 23.27 -12.95 -11.96
C PHE A 75 24.63 -12.73 -12.62
N ARG A 76 24.69 -11.79 -13.56
CA ARG A 76 25.94 -11.49 -14.24
C ARG A 76 26.98 -10.94 -13.27
N LEU A 77 26.53 -10.06 -12.36
CA LEU A 77 27.40 -9.46 -11.37
C LEU A 77 28.12 -10.49 -10.49
N ARG A 78 27.38 -11.49 -10.01
CA ARG A 78 27.94 -12.44 -9.07
C ARG A 78 28.53 -13.68 -9.75
N SER A 79 28.35 -13.79 -11.06
CA SER A 79 28.85 -14.97 -11.77
C SER A 79 30.05 -14.67 -12.66
N GLU A 80 30.11 -13.46 -13.20
CA GLU A 80 31.16 -13.14 -14.17
C GLU A 80 32.60 -13.25 -13.63
N GLY A 81 32.79 -12.92 -12.36
CA GLY A 81 34.10 -13.10 -11.74
C GLY A 81 34.20 -14.33 -10.85
N LEU A 82 33.17 -15.18 -10.89
CA LEU A 82 33.09 -16.32 -9.98
C LEU A 82 33.99 -17.49 -10.38
N GLU A 83 34.95 -17.81 -9.54
CA GLU A 83 35.89 -18.90 -9.81
C GLU A 83 35.60 -20.09 -8.91
N PRO A 84 36.07 -21.29 -9.31
CA PRO A 84 35.85 -22.47 -8.47
C PRO A 84 36.50 -22.31 -7.09
N GLY A 85 35.97 -22.98 -6.08
CA GLY A 85 36.61 -22.97 -4.78
C GLY A 85 35.75 -22.44 -3.64
N ARG A 86 34.83 -21.53 -3.97
CA ARG A 86 33.91 -21.00 -2.96
C ARG A 86 32.62 -20.44 -3.57
N GLY A 87 31.51 -20.64 -2.88
CA GLY A 87 30.23 -20.18 -3.38
C GLY A 87 30.11 -18.67 -3.35
N SER A 88 29.18 -18.15 -4.16
CA SER A 88 28.94 -16.71 -4.20
C SER A 88 28.26 -16.29 -2.91
N VAL A 89 28.15 -14.98 -2.70
CA VAL A 89 27.27 -14.49 -1.66
C VAL A 89 25.86 -14.85 -2.10
N ALA A 90 24.93 -14.96 -1.16
CA ALA A 90 23.58 -15.34 -1.51
C ALA A 90 22.94 -14.29 -2.43
N VAL A 91 22.28 -14.76 -3.47
CA VAL A 91 21.67 -13.93 -4.50
CA VAL A 91 21.63 -13.85 -4.41
C VAL A 91 20.15 -14.12 -4.54
N GLU A 92 19.37 -13.07 -4.37
CA GLU A 92 17.93 -13.19 -4.51
C GLU A 92 17.57 -12.93 -5.96
N LEU A 93 17.17 -13.98 -6.67
CA LEU A 93 16.80 -13.87 -8.08
C LEU A 93 15.31 -14.05 -8.26
N ASN A 94 14.75 -13.26 -9.16
CA ASN A 94 13.33 -13.36 -9.47
C ASN A 94 13.09 -14.01 -10.81
N HIS A 95 12.41 -15.16 -10.78
CA HIS A 95 12.18 -15.95 -11.96
C HIS A 95 10.86 -15.61 -12.66
N ILE A 96 10.82 -15.85 -13.96
CA ILE A 96 9.57 -15.89 -14.71
C ILE A 96 9.26 -17.34 -15.13
N ASP A 97 8.17 -17.87 -14.58
CA ASP A 97 7.70 -19.23 -14.83
C ASP A 97 7.09 -19.31 -16.24
N PRO A 98 7.08 -20.51 -16.85
CA PRO A 98 6.47 -20.70 -18.17
C PRO A 98 5.02 -20.20 -18.27
N ARG A 99 4.24 -20.39 -17.22
CA ARG A 99 2.86 -19.92 -17.17
C ARG A 99 2.79 -18.45 -16.75
N SER A 100 3.91 -17.75 -16.91
CA SER A 100 4.05 -16.33 -16.58
C SER A 100 3.97 -16.01 -15.08
N PHE A 101 4.07 -17.04 -14.24
CA PHE A 101 4.19 -16.83 -12.80
C PHE A 101 5.56 -16.24 -12.48
N GLU A 102 5.62 -15.35 -11.49
CA GLU A 102 6.87 -14.75 -11.07
C GLU A 102 7.17 -15.18 -9.62
N PHE A 103 8.31 -15.85 -9.41
CA PHE A 103 8.66 -16.30 -8.06
C PHE A 103 10.12 -16.05 -7.72
N PRO A 104 10.40 -15.80 -6.43
CA PRO A 104 11.78 -15.55 -5.98
C PRO A 104 12.44 -16.77 -5.35
N ILE A 105 13.74 -16.90 -5.61
CA ILE A 105 14.56 -17.93 -5.01
C ILE A 105 15.86 -17.26 -4.52
N ARG A 106 16.31 -17.59 -3.32
CA ARG A 106 17.62 -17.13 -2.88
C ARG A 106 18.63 -18.22 -3.21
N TYR A 107 19.60 -17.89 -4.07
CA TYR A 107 20.58 -18.87 -4.56
C TYR A 107 21.99 -18.65 -4.02
N ILE A 108 22.73 -19.74 -3.88
CA ILE A 108 24.19 -19.69 -3.80
C ILE A 108 24.71 -20.21 -5.12
N LEU A 109 25.61 -19.47 -5.78
CA LEU A 109 26.19 -19.92 -7.05
C LEU A 109 27.53 -20.57 -6.83
N HIS A 110 27.77 -21.68 -7.53
CA HIS A 110 29.07 -22.33 -7.53
C HIS A 110 29.57 -22.52 -8.96
N ARG A 111 30.81 -22.11 -9.22
CA ARG A 111 31.44 -22.39 -10.51
C ARG A 111 32.09 -23.77 -10.45
N LEU A 112 31.65 -24.67 -11.33
CA LEU A 112 32.17 -26.05 -11.33
C LEU A 112 33.44 -26.08 -12.18
N PRO A 113 34.53 -26.62 -11.62
CA PRO A 113 35.83 -26.51 -12.31
C PRO A 113 35.94 -27.32 -13.60
N ALA A 114 35.25 -28.46 -13.71
CA ALA A 114 35.44 -29.33 -14.88
C ALA A 114 35.01 -28.70 -16.20
N ASP A 115 33.88 -28.00 -16.20
CA ASP A 115 33.33 -27.43 -17.43
C ASP A 115 32.93 -25.96 -17.30
N ARG A 116 33.26 -25.36 -16.16
CA ARG A 116 32.91 -23.96 -15.86
C ARG A 116 31.41 -23.65 -15.92
N SER A 117 30.59 -24.69 -15.77
CA SER A 117 29.16 -24.49 -15.58
C SER A 117 28.94 -23.83 -14.23
N ILE A 118 27.74 -23.28 -14.04
CA ILE A 118 27.35 -22.72 -12.75
C ILE A 118 26.18 -23.51 -12.20
N LEU A 119 26.36 -24.02 -10.99
CA LEU A 119 25.32 -24.74 -10.26
C LEU A 119 24.69 -23.76 -9.27
N MET A 120 23.37 -23.61 -9.35
CA MET A 120 22.67 -22.64 -8.55
C MET A 120 21.83 -23.39 -7.52
N LEU A 121 22.17 -23.23 -6.23
CA LEU A 121 21.50 -23.96 -5.16
C LEU A 121 20.49 -23.06 -4.48
N GLY A 122 19.21 -23.40 -4.58
CA GLY A 122 18.16 -22.48 -4.19
C GLY A 122 17.36 -22.78 -2.93
N ARG A 123 16.97 -21.70 -2.27
CA ARG A 123 15.98 -21.72 -1.19
C ARG A 123 14.71 -20.99 -1.66
N ASP A 124 13.58 -21.65 -1.46
CA ASP A 124 12.29 -21.20 -1.98
C ASP A 124 11.72 -20.01 -1.18
N LEU A 125 11.53 -18.88 -1.84
CA LEU A 125 11.00 -17.68 -1.15
C LEU A 125 9.53 -17.43 -1.44
N ARG A 126 8.88 -18.35 -2.14
CA ARG A 126 7.46 -18.19 -2.46
C ARG A 126 6.55 -17.89 -1.25
N PRO A 127 6.75 -18.57 -0.11
CA PRO A 127 5.87 -18.24 1.02
C PRO A 127 6.02 -16.80 1.50
N ILE A 128 7.22 -16.24 1.38
CA ILE A 128 7.45 -14.86 1.80
C ILE A 128 6.80 -13.91 0.82
N ALA A 129 6.94 -14.22 -0.47
CA ALA A 129 6.34 -13.42 -1.52
C ALA A 129 4.82 -13.35 -1.39
N GLU A 130 4.20 -14.46 -1.00
CA GLU A 130 2.75 -14.47 -0.79
C GLU A 130 2.31 -13.49 0.31
N VAL A 131 3.02 -13.47 1.42
CA VAL A 131 2.66 -12.55 2.50
C VAL A 131 3.00 -11.10 2.14
N GLN A 132 4.06 -10.91 1.35
CA GLN A 132 4.37 -9.58 0.81
C GLN A 132 3.19 -9.03 0.00
N GLN A 133 2.61 -9.88 -0.84
CA GLN A 133 1.49 -9.45 -1.68
C GLN A 133 0.27 -9.07 -0.84
N GLN A 134 0.09 -9.73 0.30
CA GLN A 134 -1.00 -9.35 1.20
C GLN A 134 -0.77 -7.95 1.77
N LEU A 135 0.47 -7.67 2.13
CA LEU A 135 0.80 -6.36 2.70
C LEU A 135 0.61 -5.25 1.65
N VAL A 136 1.07 -5.50 0.43
CA VAL A 136 0.90 -4.52 -0.66
C VAL A 136 -0.59 -4.29 -0.93
N ALA A 137 -1.38 -5.35 -0.91
CA ALA A 137 -2.81 -5.23 -1.08
C ALA A 137 -3.45 -4.36 0.00
N ALA A 138 -2.95 -4.47 1.23
CA ALA A 138 -3.49 -3.70 2.34
C ALA A 138 -3.08 -2.24 2.23
N GLN A 139 -1.85 -2.01 1.77
CA GLN A 139 -1.39 -0.62 1.51
C GLN A 139 -2.29 0.07 0.50
N LEU A 140 -2.63 -0.65 -0.56
CA LEU A 140 -3.52 -0.17 -1.58
C LEU A 140 -4.92 0.10 -1.02
N ALA A 141 -5.45 -0.85 -0.24
CA ALA A 141 -6.78 -0.67 0.35
C ALA A 141 -6.83 0.54 1.27
N MET A 142 -5.77 0.75 2.04
CA MET A 142 -5.73 1.90 2.95
C MET A 142 -5.72 3.24 2.22
N GLU A 143 -4.97 3.32 1.13
CA GLU A 143 -4.95 4.55 0.33
C GLU A 143 -6.24 4.76 -0.47
N ARG A 144 -6.90 3.68 -0.87
CA ARG A 144 -8.21 3.85 -1.51
C ARG A 144 -9.20 4.44 -0.50
N ASP A 145 -9.14 3.96 0.73
CA ASP A 145 -9.99 4.50 1.79
C ASP A 145 -9.61 5.94 2.13
N TYR A 146 -8.31 6.23 2.11
CA TYR A 146 -7.84 7.60 2.30
C TYR A 146 -8.56 8.53 1.31
N GLU A 147 -8.62 8.13 0.04
CA GLU A 147 -9.25 8.96 -0.98
C GLU A 147 -10.76 9.11 -0.76
N THR A 148 -11.42 8.08 -0.22
CA THR A 148 -12.82 8.22 0.17
C THR A 148 -12.97 9.27 1.27
N GLN A 149 -12.05 9.29 2.21
CA GLN A 149 -12.10 10.30 3.27
C GLN A 149 -11.95 11.68 2.68
N ARG A 150 -11.14 11.82 1.63
CA ARG A 150 -10.98 13.14 1.01
C ARG A 150 -12.28 13.59 0.33
N GLU A 151 -12.99 12.66 -0.31
CA GLU A 151 -14.31 12.99 -0.84
C GLU A 151 -15.23 13.44 0.29
N MET A 152 -15.25 12.67 1.35
CA MET A 152 -16.12 12.98 2.48
C MET A 152 -15.75 14.32 3.14
N GLU A 153 -14.46 14.63 3.21
CA GLU A 153 -14.05 15.93 3.78
C GLU A 153 -14.59 17.10 2.98
N THR A 154 -14.57 17.01 1.65
CA THR A 154 -15.16 18.08 0.84
C THR A 154 -16.67 18.15 1.06
N ARG A 155 -17.33 16.99 1.13
CA ARG A 155 -18.78 16.98 1.40
C ARG A 155 -19.07 17.66 2.73
N TYR A 156 -18.31 17.30 3.75
CA TYR A 156 -18.42 17.93 5.08
C TYR A 156 -18.27 19.45 5.02
N ARG A 157 -17.21 19.90 4.36
CA ARG A 157 -16.92 21.33 4.21
C ARG A 157 -18.10 22.07 3.58
N VAL A 158 -18.61 21.54 2.47
CA VAL A 158 -19.72 22.16 1.77
C VAL A 158 -21.03 22.16 2.57
N VAL A 159 -21.38 21.00 3.12
CA VAL A 159 -22.57 20.92 3.97
C VAL A 159 -22.51 21.88 5.14
N LEU A 160 -21.40 21.87 5.87
CA LEU A 160 -21.25 22.75 7.03
C LEU A 160 -21.35 24.23 6.62
N ASP A 161 -20.59 24.61 5.60
CA ASP A 161 -20.51 26.02 5.20
C ASP A 161 -21.83 26.55 4.62
N VAL A 162 -22.50 25.73 3.82
CA VAL A 162 -23.74 26.16 3.19
C VAL A 162 -24.94 26.10 4.16
N SER A 163 -24.90 25.20 5.13
CA SER A 163 -26.03 25.03 6.05
C SER A 163 -26.41 26.31 6.78
N ARG A 164 -27.70 26.62 6.75
CA ARG A 164 -28.23 27.79 7.45
C ARG A 164 -28.38 27.52 8.94
N ASP A 165 -28.16 26.28 9.35
CA ASP A 165 -28.22 25.90 10.77
C ASP A 165 -26.88 26.25 11.44
N PRO A 166 -26.87 27.24 12.36
CA PRO A 166 -25.59 27.66 12.95
C PRO A 166 -24.96 26.52 13.77
N MET A 167 -23.70 26.17 13.47
CA MET A 167 -23.06 25.06 14.12
C MET A 167 -21.61 25.35 14.47
N VAL A 168 -21.19 24.90 15.65
CA VAL A 168 -19.82 25.05 16.09
C VAL A 168 -19.31 23.71 16.59
N LEU A 169 -18.10 23.35 16.15
CA LEU A 169 -17.46 22.09 16.54
CA LEU A 169 -17.48 22.09 16.58
C LEU A 169 -16.32 22.38 17.51
N VAL A 170 -16.32 21.70 18.66
CA VAL A 170 -15.36 21.97 19.72
C VAL A 170 -14.58 20.71 20.11
N SER A 171 -13.27 20.85 20.35
CA SER A 171 -12.45 19.75 20.85
C SER A 171 -12.76 19.46 22.32
N MET A 172 -13.06 18.20 22.64
CA MET A 172 -13.28 17.82 24.04
C MET A 172 -12.02 17.97 24.88
N SER A 173 -10.86 17.73 24.26
CA SER A 173 -9.58 17.78 24.97
C SER A 173 -9.15 19.18 25.40
N THR A 174 -9.28 20.16 24.51
CA THR A 174 -8.80 21.51 24.80
C THR A 174 -9.94 22.47 25.10
N GLY A 175 -11.16 22.12 24.71
CA GLY A 175 -12.29 23.03 24.87
C GLY A 175 -12.25 24.16 23.87
N ARG A 176 -11.47 23.99 22.80
CA ARG A 176 -11.33 25.02 21.79
C ARG A 176 -12.12 24.71 20.52
N ILE A 177 -12.61 25.75 19.86
CA ILE A 177 -13.34 25.60 18.61
C ILE A 177 -12.41 25.05 17.53
N VAL A 178 -12.84 23.99 16.85
CA VAL A 178 -12.05 23.42 15.77
C VAL A 178 -12.67 23.71 14.41
N ASP A 179 -13.98 23.95 14.37
CA ASP A 179 -14.64 24.36 13.13
C ASP A 179 -15.97 25.05 13.45
N LEU A 180 -16.54 25.71 12.46
CA LEU A 180 -17.84 26.36 12.59
C LEU A 180 -18.27 26.85 11.23
N ASN A 181 -19.52 27.29 11.12
CA ASN A 181 -19.95 27.89 9.85
C ASN A 181 -20.24 29.40 10.00
N SER A 182 -20.48 30.07 8.88
CA SER A 182 -20.67 31.52 8.96
C SER A 182 -21.94 31.85 9.73
N ALA A 183 -22.96 31.01 9.62
CA ALA A 183 -24.20 31.23 10.37
C ALA A 183 -23.93 31.34 11.87
N ALA A 184 -23.09 30.46 12.40
CA ALA A 184 -22.73 30.51 13.82
C ALA A 184 -21.89 31.74 14.14
N GLY A 185 -20.93 32.05 13.27
CA GLY A 185 -20.08 33.21 13.45
C GLY A 185 -20.89 34.48 13.59
N LEU A 186 -21.91 34.62 12.75
CA LEU A 186 -22.77 35.81 12.79
C LEU A 186 -23.52 35.96 14.10
N LEU A 187 -24.06 34.86 14.62
CA LEU A 187 -24.72 34.88 15.93
C LEU A 187 -23.77 35.22 17.05
N LEU A 188 -22.57 34.64 17.03
CA LEU A 188 -21.62 34.87 18.10
C LEU A 188 -21.02 36.27 18.02
N GLY A 189 -20.87 36.78 16.80
CA GLY A 189 -20.34 38.11 16.59
C GLY A 189 -18.84 38.12 16.30
N GLY A 190 -18.36 37.06 15.65
CA GLY A 190 -16.95 36.95 15.35
C GLY A 190 -16.73 36.38 13.97
N VAL A 191 -15.59 36.70 13.36
CA VAL A 191 -15.25 36.16 12.05
C VAL A 191 -14.53 34.82 12.21
N ARG A 192 -14.47 34.04 11.14
CA ARG A 192 -13.95 32.67 11.17
C ARG A 192 -12.57 32.55 11.80
N GLN A 193 -11.62 33.34 11.34
CA GLN A 193 -10.23 33.21 11.79
C GLN A 193 -10.05 33.56 13.26
N ASP A 194 -10.90 34.45 13.78
CA ASP A 194 -10.86 34.80 15.19
C ASP A 194 -11.46 33.73 16.08
N LEU A 195 -12.45 33.01 15.56
CA LEU A 195 -13.16 32.02 16.35
C LEU A 195 -12.51 30.62 16.33
N LEU A 196 -11.89 30.26 15.21
CA LEU A 196 -11.09 29.03 15.15
C LEU A 196 -9.98 29.09 16.20
N GLY A 197 -9.89 28.06 17.04
CA GLY A 197 -8.85 28.01 18.05
C GLY A 197 -9.26 28.68 19.36
N ALA A 198 -10.40 29.37 19.37
CA ALA A 198 -10.84 30.07 20.57
C ALA A 198 -11.43 29.13 21.61
N ALA A 199 -11.21 29.45 22.89
CA ALA A 199 -11.82 28.68 23.97
C ALA A 199 -13.33 28.91 23.96
N ILE A 200 -14.10 27.83 23.85
CA ILE A 200 -15.55 27.97 23.71
C ILE A 200 -16.21 28.60 24.94
N ALA A 201 -15.72 28.29 26.13
CA ALA A 201 -16.37 28.84 27.32
C ALA A 201 -16.22 30.36 27.38
N GLN A 202 -15.13 30.87 26.84
CA GLN A 202 -14.88 32.31 26.90
C GLN A 202 -15.67 33.08 25.84
N GLU A 203 -16.44 32.37 25.02
CA GLU A 203 -17.37 33.02 24.10
C GLU A 203 -18.72 33.29 24.77
N PHE A 204 -18.88 32.81 26.01
CA PHE A 204 -20.16 32.91 26.69
C PHE A 204 -20.01 33.56 28.07
N GLU A 205 -20.81 34.59 28.33
CA GLU A 205 -20.68 35.30 29.60
C GLU A 205 -20.94 34.41 30.81
N GLY A 206 -20.04 34.48 31.79
CA GLY A 206 -20.22 33.81 33.06
C GLY A 206 -19.77 32.36 33.05
N ARG A 207 -19.29 31.90 31.91
CA ARG A 207 -18.92 30.49 31.78
C ARG A 207 -17.41 30.25 31.91
N ARG A 208 -17.04 29.06 32.39
CA ARG A 208 -15.63 28.66 32.46
C ARG A 208 -15.46 27.25 31.88
N ARG A 209 -14.27 26.94 31.40
CA ARG A 209 -14.08 25.72 30.61
C ARG A 209 -14.53 24.42 31.30
N GLY A 210 -14.06 24.20 32.52
CA GLY A 210 -14.43 23.01 33.26
C GLY A 210 -15.92 22.79 33.38
N GLU A 211 -16.62 23.78 33.93
CA GLU A 211 -18.04 23.60 34.21
C GLU A 211 -18.85 23.57 32.94
N PHE A 212 -18.46 24.36 31.95
CA PHE A 212 -19.16 24.43 30.68
C PHE A 212 -19.05 23.10 29.93
N MET A 213 -17.84 22.57 29.81
CA MET A 213 -17.62 21.32 29.08
C MET A 213 -18.35 20.17 29.75
N GLU A 214 -18.27 20.10 31.07
CA GLU A 214 -18.97 19.07 31.82
C GLU A 214 -20.49 19.20 31.67
N THR A 215 -20.99 20.43 31.74
CA THR A 215 -22.43 20.67 31.57
C THR A 215 -22.94 20.23 30.20
N MET A 216 -22.24 20.63 29.14
CA MET A 216 -22.65 20.25 27.78
C MET A 216 -22.50 18.75 27.58
N THR A 217 -21.44 18.16 28.14
CA THR A 217 -21.21 16.73 27.97
C THR A 217 -22.30 15.92 28.65
N ASN A 218 -22.65 16.28 29.88
CA ASN A 218 -23.73 15.59 30.60
C ASN A 218 -25.07 15.76 29.92
N LEU A 219 -25.34 16.98 29.46
CA LEU A 219 -26.61 17.29 28.81
C LEU A 219 -26.79 16.53 27.51
N ALA A 220 -25.70 16.38 26.76
CA ALA A 220 -25.74 15.66 25.49
C ALA A 220 -26.08 14.19 25.74
N ALA A 221 -25.60 13.67 26.86
CA ALA A 221 -25.77 12.27 27.23
C ALA A 221 -27.17 11.96 27.76
N THR A 222 -28.05 12.96 27.80
CA THR A 222 -29.42 12.73 28.22
C THR A 222 -30.33 12.67 27.00
N GLU A 223 -31.57 12.22 27.20
CA GLU A 223 -32.54 12.17 26.13
C GLU A 223 -33.61 13.25 26.31
N SER A 224 -34.06 13.82 25.19
CA SER A 224 -35.01 14.92 25.18
C SER A 224 -34.55 16.09 26.08
N ALA A 225 -33.29 16.49 25.92
CA ALA A 225 -32.75 17.60 26.68
C ALA A 225 -33.25 18.94 26.15
N ALA A 226 -33.28 19.93 27.02
CA ALA A 226 -33.67 21.28 26.65
C ALA A 226 -32.43 22.06 26.22
N PRO A 227 -32.61 23.05 25.33
CA PRO A 227 -31.46 23.89 24.95
C PRO A 227 -30.95 24.67 26.16
N VAL A 228 -29.67 25.05 26.14
CA VAL A 228 -29.03 25.82 27.21
C VAL A 228 -29.00 27.30 26.84
N GLU A 229 -29.50 28.18 27.72
CA GLU A 229 -29.40 29.61 27.46
C GLU A 229 -27.98 30.11 27.69
N VAL A 230 -27.46 30.88 26.74
CA VAL A 230 -26.17 31.52 26.90
C VAL A 230 -26.26 32.97 26.46
N LEU A 231 -25.26 33.76 26.87
CA LEU A 231 -25.13 35.14 26.43
C LEU A 231 -23.76 35.27 25.74
N ALA A 232 -23.74 35.54 24.44
CA ALA A 232 -22.48 35.60 23.71
C ALA A 232 -21.62 36.79 24.14
N ARG A 233 -20.34 36.55 24.39
CA ARG A 233 -19.46 37.63 24.85
C ARG A 233 -19.33 38.76 23.82
N ARG A 234 -19.18 38.40 22.55
CA ARG A 234 -18.97 39.40 21.50
C ARG A 234 -20.26 40.12 21.13
N SER A 235 -21.20 39.40 20.52
CA SER A 235 -22.43 40.05 20.06
C SER A 235 -23.34 40.49 21.20
N GLN A 236 -23.12 39.93 22.40
CA GLN A 236 -23.99 40.17 23.55
C GLN A 236 -25.45 39.86 23.22
N LYS A 237 -25.63 38.82 22.42
CA LYS A 237 -26.94 38.35 22.03
C LYS A 237 -27.29 37.13 22.89
N ARG A 238 -28.55 37.04 23.30
CA ARG A 238 -29.03 35.85 24.01
C ARG A 238 -29.27 34.73 23.01
N LEU A 239 -28.66 33.57 23.28
CA LEU A 239 -28.69 32.43 22.37
C LEU A 239 -29.09 31.17 23.11
N LEU A 240 -29.42 30.14 22.32
CA LEU A 240 -29.80 28.82 22.83
C LEU A 240 -28.86 27.80 22.21
N VAL A 241 -28.32 26.91 23.03
CA VAL A 241 -27.32 25.95 22.54
C VAL A 241 -27.79 24.52 22.78
N VAL A 242 -27.68 23.69 21.75
CA VAL A 242 -27.99 22.27 21.87
C VAL A 242 -26.73 21.48 21.59
N PRO A 243 -26.19 20.80 22.61
CA PRO A 243 -24.95 20.04 22.45
C PRO A 243 -25.18 18.59 22.00
N ARG A 244 -24.28 18.09 21.17
CA ARG A 244 -24.23 16.67 20.84
C ARG A 244 -22.76 16.26 20.91
N VAL A 245 -22.49 15.05 21.37
CA VAL A 245 -21.11 14.59 21.47
C VAL A 245 -20.89 13.35 20.62
N PHE A 246 -19.79 13.33 19.88
CA PHE A 246 -19.46 12.15 19.08
C PHE A 246 -17.96 11.89 19.01
N ARG A 247 -17.59 10.66 18.65
CA ARG A 247 -16.20 10.28 18.54
C ARG A 247 -15.76 10.31 17.09
N ALA A 248 -14.61 10.91 16.84
CA ALA A 248 -14.13 11.13 15.48
C ALA A 248 -12.95 10.24 15.17
N ALA A 249 -11.75 10.70 15.51
CA ALA A 249 -10.53 9.94 15.26
C ALA A 249 -9.88 9.54 16.58
N GLY A 250 -10.62 8.80 17.39
CA GLY A 250 -10.14 8.40 18.71
C GLY A 250 -10.51 9.38 19.80
N GLU A 251 -10.64 10.66 19.46
CA GLU A 251 -11.02 11.66 20.45
C GLU A 251 -12.45 12.15 20.24
N ARG A 252 -12.97 12.89 21.20
CA ARG A 252 -14.37 13.32 21.16
C ARG A 252 -14.53 14.75 20.69
N LEU A 253 -15.63 15.01 20.00
CA LEU A 253 -15.99 16.35 19.58
C LEU A 253 -17.37 16.73 20.11
N LEU A 254 -17.52 18.00 20.42
CA LEU A 254 -18.80 18.55 20.85
C LEU A 254 -19.33 19.41 19.72
N LEU A 255 -20.49 19.04 19.20
CA LEU A 255 -21.16 19.83 18.17
C LEU A 255 -22.29 20.61 18.82
N CYS A 256 -22.30 21.93 18.62
CA CYS A 256 -23.30 22.79 19.22
C CYS A 256 -24.13 23.41 18.11
N GLN A 257 -25.44 23.19 18.15
CA GLN A 257 -26.35 23.96 17.31
C GLN A 257 -26.73 25.18 18.10
N ILE A 258 -26.72 26.33 17.45
CA ILE A 258 -27.02 27.58 18.15
C ILE A 258 -28.17 28.32 17.50
N ASP A 259 -29.11 28.79 18.32
CA ASP A 259 -30.24 29.54 17.82
C ASP A 259 -30.37 30.82 18.62
N PRO A 260 -30.95 31.87 18.00
CA PRO A 260 -31.29 33.05 18.78
C PRO A 260 -32.35 32.71 19.83
N ALA A 261 -32.27 33.35 21.00
CA ALA A 261 -33.27 33.16 22.05
C ALA A 261 -34.49 34.03 21.76
N ASP A 262 -34.28 35.09 21.01
CA ASP A 262 -35.37 35.95 20.55
C ASP A 262 -35.33 36.10 19.03
N GLY B 10 21.63 -36.17 -15.75
CA GLY B 10 22.97 -36.67 -15.95
C GLY B 10 23.89 -35.66 -16.62
N SER B 11 23.62 -34.38 -16.41
CA SER B 11 24.38 -33.31 -17.03
C SER B 11 25.53 -32.78 -16.18
N LEU B 12 25.50 -33.07 -14.88
CA LEU B 12 26.57 -32.61 -13.99
C LEU B 12 27.90 -33.20 -14.42
N PRO B 13 28.97 -32.41 -14.31
CA PRO B 13 30.31 -32.95 -14.59
C PRO B 13 30.78 -33.73 -13.37
N SER B 14 31.95 -34.36 -13.48
CA SER B 14 32.54 -35.03 -12.32
CA SER B 14 32.55 -35.04 -12.33
C SER B 14 32.86 -34.00 -11.25
N LEU B 15 32.54 -34.32 -10.00
CA LEU B 15 32.75 -33.39 -8.89
C LEU B 15 33.67 -33.98 -7.83
N ALA B 16 34.72 -33.23 -7.48
CA ALA B 16 35.64 -33.66 -6.43
C ALA B 16 34.90 -33.78 -5.09
N PRO B 17 35.36 -34.69 -4.22
CA PRO B 17 34.67 -34.97 -2.94
C PRO B 17 34.54 -33.75 -2.01
N ASP B 18 35.57 -32.92 -1.93
CA ASP B 18 35.51 -31.70 -1.11
C ASP B 18 34.46 -30.73 -1.63
N LEU B 19 34.35 -30.63 -2.96
CA LEU B 19 33.32 -29.82 -3.57
C LEU B 19 31.91 -30.35 -3.23
N VAL B 20 31.70 -31.64 -3.38
CA VAL B 20 30.39 -32.20 -3.06
C VAL B 20 29.99 -31.87 -1.62
N ARG B 21 30.97 -31.94 -0.72
CA ARG B 21 30.72 -31.62 0.68
C ARG B 21 30.26 -30.16 0.82
N ASP B 22 30.94 -29.26 0.11
CA ASP B 22 30.61 -27.84 0.21
C ASP B 22 29.28 -27.50 -0.44
N LEU B 23 28.93 -28.18 -1.51
CA LEU B 23 27.64 -27.94 -2.15
C LEU B 23 26.51 -28.32 -1.19
N ILE B 24 26.65 -29.46 -0.54
CA ILE B 24 25.65 -29.91 0.42
C ILE B 24 25.58 -28.95 1.61
N ALA B 25 26.75 -28.63 2.15
CA ALA B 25 26.85 -27.70 3.28
C ALA B 25 26.19 -26.35 3.02
N THR B 26 26.33 -25.81 1.81
CA THR B 26 25.76 -24.50 1.51
C THR B 26 24.27 -24.56 1.14
N ALA B 27 23.84 -25.68 0.56
CA ALA B 27 22.45 -25.85 0.13
C ALA B 27 21.54 -26.11 1.32
N ALA B 28 22.00 -26.97 2.23
CA ALA B 28 21.22 -27.32 3.42
C ALA B 28 21.53 -26.35 4.53
N ASP B 29 20.64 -26.23 5.50
CA ASP B 29 20.88 -25.32 6.62
C ASP B 29 21.70 -26.03 7.69
N ILE B 30 21.44 -27.32 7.83
CA ILE B 30 22.21 -28.15 8.73
C ILE B 30 22.22 -29.56 8.15
N SER B 31 23.39 -30.19 8.13
CA SER B 31 23.48 -31.57 7.68
CA SER B 31 23.49 -31.57 7.70
C SER B 31 24.25 -32.42 8.70
N LEU B 32 23.77 -33.64 8.91
CA LEU B 32 24.40 -34.55 9.86
C LEU B 32 24.76 -35.83 9.10
N LEU B 33 25.97 -36.31 9.31
CA LEU B 33 26.37 -37.64 8.86
C LEU B 33 26.35 -38.53 10.08
N VAL B 34 25.50 -39.56 10.07
CA VAL B 34 25.31 -40.42 11.24
C VAL B 34 25.75 -41.84 10.91
N SER B 35 26.56 -42.44 11.77
CA SER B 35 27.06 -43.78 11.51
C SER B 35 25.94 -44.81 11.51
N GLN B 36 26.23 -45.95 10.92
CA GLN B 36 25.33 -47.10 10.92
C GLN B 36 24.83 -47.41 12.34
N GLU B 37 25.69 -47.18 13.32
CA GLU B 37 25.41 -47.52 14.71
C GLU B 37 24.69 -46.41 15.49
N GLY B 38 24.54 -45.25 14.86
CA GLY B 38 23.73 -44.19 15.43
C GLY B 38 24.50 -43.00 15.99
N VAL B 39 25.79 -42.94 15.68
CA VAL B 39 26.64 -41.88 16.24
C VAL B 39 26.82 -40.73 15.25
N VAL B 40 26.64 -39.50 15.72
CA VAL B 40 26.89 -38.34 14.84
C VAL B 40 28.38 -38.26 14.53
N ARG B 41 28.73 -38.41 13.26
CA ARG B 41 30.13 -38.39 12.82
C ARG B 41 30.55 -36.98 12.42
N GLU B 42 29.65 -36.27 11.76
CA GLU B 42 29.99 -34.94 11.24
C GLU B 42 28.76 -34.06 11.25
N VAL B 43 28.95 -32.81 11.69
CA VAL B 43 27.91 -31.79 11.64
C VAL B 43 28.37 -30.66 10.73
N MET B 44 27.56 -30.32 9.75
CA MET B 44 27.85 -29.17 8.91
C MET B 44 26.76 -28.11 9.03
N ALA B 45 27.09 -26.96 9.59
CA ALA B 45 26.11 -25.90 9.78
C ALA B 45 26.72 -24.52 9.57
N SER B 51 24.85 -19.23 13.42
CA SER B 51 23.72 -18.75 14.20
C SER B 51 22.89 -19.91 14.77
N PHE B 52 23.35 -21.13 14.53
CA PHE B 52 22.66 -22.32 15.04
C PHE B 52 23.11 -22.67 16.45
N GLY B 53 24.14 -21.98 16.92
CA GLY B 53 24.87 -22.43 18.09
C GLY B 53 26.01 -23.26 17.54
N GLN B 54 27.05 -23.50 18.35
CA GLN B 54 28.22 -24.21 17.86
C GLN B 54 27.91 -25.60 17.34
N LEU B 55 27.13 -26.37 18.11
CA LEU B 55 26.80 -27.76 17.78
C LEU B 55 28.04 -28.64 17.63
N SER B 56 29.19 -28.09 18.02
CA SER B 56 30.45 -28.80 17.94
C SER B 56 30.40 -30.02 18.85
N GLU B 57 29.72 -29.87 19.98
CA GLU B 57 29.60 -30.93 20.97
C GLU B 57 28.82 -32.15 20.47
N TRP B 58 28.08 -32.00 19.38
CA TRP B 58 27.29 -33.13 18.86
C TRP B 58 28.14 -34.23 18.27
N GLU B 59 29.28 -33.87 17.68
CA GLU B 59 30.11 -34.89 17.02
C GLU B 59 30.66 -35.89 18.03
N GLY B 60 30.49 -37.17 17.73
CA GLY B 60 30.91 -38.21 18.64
C GLY B 60 29.81 -38.68 19.58
N ARG B 61 28.68 -37.98 19.59
CA ARG B 61 27.52 -38.36 20.40
C ARG B 61 26.49 -39.15 19.60
N PRO B 62 25.78 -40.08 20.25
CA PRO B 62 24.63 -40.72 19.60
C PRO B 62 23.59 -39.67 19.20
N LEU B 63 23.07 -39.79 17.97
CA LEU B 63 22.05 -38.89 17.48
C LEU B 63 20.84 -38.80 18.42
N GLU B 64 20.47 -39.91 19.05
CA GLU B 64 19.28 -39.87 19.91
C GLU B 64 19.42 -38.91 21.09
N GLU B 65 20.66 -38.64 21.49
CA GLU B 65 20.91 -37.73 22.60
C GLU B 65 20.53 -36.28 22.28
N VAL B 66 20.40 -35.95 20.99
CA VAL B 66 20.11 -34.58 20.59
C VAL B 66 18.73 -34.41 19.92
N LEU B 67 17.89 -35.43 20.04
CA LEU B 67 16.53 -35.36 19.51
C LEU B 67 15.55 -35.44 20.67
N THR B 68 14.38 -34.83 20.55
CA THR B 68 13.34 -35.05 21.54
C THR B 68 12.94 -36.54 21.48
N ALA B 69 12.27 -37.03 22.52
CA ALA B 69 11.84 -38.43 22.53
C ALA B 69 10.84 -38.73 21.40
N GLU B 70 9.96 -37.79 21.09
CA GLU B 70 9.05 -37.98 19.95
C GLU B 70 9.85 -38.12 18.65
N SER B 71 10.87 -37.28 18.48
CA SER B 71 11.68 -37.35 17.28
C SER B 71 12.58 -38.59 17.22
N VAL B 72 13.00 -39.09 18.38
CA VAL B 72 13.72 -40.37 18.41
C VAL B 72 12.84 -41.45 17.78
N ALA B 73 11.57 -41.49 18.17
CA ALA B 73 10.67 -42.54 17.70
C ALA B 73 10.47 -42.40 16.18
N LYS B 74 10.29 -41.17 15.73
CA LYS B 74 10.11 -40.91 14.30
C LYS B 74 11.35 -41.26 13.50
N PHE B 75 12.53 -40.83 13.99
CA PHE B 75 13.78 -41.14 13.28
C PHE B 75 14.00 -42.64 13.14
N ARG B 76 13.80 -43.36 14.24
CA ARG B 76 13.99 -44.81 14.22
C ARG B 76 13.05 -45.47 13.22
N LEU B 77 11.82 -44.99 13.14
CA LEU B 77 10.86 -45.61 12.24
C LEU B 77 11.22 -45.35 10.76
N ARG B 78 11.63 -44.11 10.45
CA ARG B 78 11.90 -43.72 9.06
C ARG B 78 13.24 -44.24 8.57
N SER B 79 14.16 -44.53 9.48
CA SER B 79 15.50 -44.90 9.08
C SER B 79 15.74 -46.41 9.04
N GLU B 80 15.00 -47.17 9.85
CA GLU B 80 15.25 -48.61 9.94
C GLU B 80 15.07 -49.35 8.60
N GLY B 81 14.11 -48.90 7.78
CA GLY B 81 13.87 -49.54 6.50
C GLY B 81 14.56 -48.84 5.33
N LEU B 82 15.32 -47.80 5.63
CA LEU B 82 16.00 -47.00 4.62
C LEU B 82 17.24 -47.70 4.08
N GLU B 83 17.23 -48.02 2.79
CA GLU B 83 18.33 -48.76 2.18
C GLU B 83 19.04 -47.95 1.10
N PRO B 84 20.33 -48.22 0.88
CA PRO B 84 21.09 -47.44 -0.11
C PRO B 84 20.53 -47.60 -1.52
N GLY B 85 20.45 -46.50 -2.26
CA GLY B 85 19.95 -46.52 -3.62
C GLY B 85 18.47 -46.84 -3.75
N ARG B 86 17.73 -46.66 -2.66
CA ARG B 86 16.30 -46.95 -2.67
C ARG B 86 15.51 -45.69 -2.33
N GLY B 87 16.03 -44.55 -2.78
CA GLY B 87 15.34 -43.29 -2.61
C GLY B 87 15.69 -42.64 -1.29
N SER B 88 15.01 -41.55 -1.00
CA SER B 88 15.24 -40.83 0.23
C SER B 88 13.89 -40.61 0.89
N VAL B 89 13.93 -40.26 2.17
CA VAL B 89 12.71 -40.06 2.93
CA VAL B 89 12.72 -40.10 2.97
C VAL B 89 12.80 -38.77 3.72
N ALA B 90 11.68 -38.05 3.78
CA ALA B 90 11.64 -36.78 4.51
C ALA B 90 10.97 -36.98 5.85
N VAL B 91 11.56 -36.40 6.90
CA VAL B 91 10.92 -36.44 8.21
C VAL B 91 11.24 -35.15 8.97
N GLU B 92 10.22 -34.59 9.61
CA GLU B 92 10.43 -33.40 10.43
CA GLU B 92 10.41 -33.39 10.43
C GLU B 92 10.85 -33.83 11.84
N LEU B 93 12.01 -33.34 12.28
CA LEU B 93 12.52 -33.71 13.60
C LEU B 93 12.74 -32.46 14.44
N ASN B 94 12.67 -32.64 15.76
CA ASN B 94 12.93 -31.56 16.70
C ASN B 94 14.17 -31.88 17.52
N HIS B 95 15.10 -30.93 17.57
CA HIS B 95 16.29 -31.13 18.39
C HIS B 95 16.05 -30.67 19.80
N ILE B 96 16.85 -31.19 20.73
CA ILE B 96 16.83 -30.68 22.09
C ILE B 96 17.66 -29.40 22.14
N GLU B 102 13.17 -26.42 22.12
CA GLU B 102 13.40 -27.33 21.00
C GLU B 102 13.13 -26.64 19.67
N PHE B 103 13.72 -27.15 18.59
CA PHE B 103 13.57 -26.54 17.27
C PHE B 103 13.44 -27.57 16.15
N PRO B 104 12.53 -27.32 15.17
CA PRO B 104 12.19 -28.30 14.12
C PRO B 104 12.93 -28.10 12.81
N ILE B 105 13.32 -29.20 12.19
CA ILE B 105 14.08 -29.17 10.95
C ILE B 105 13.48 -30.22 10.04
N ARG B 106 13.28 -29.88 8.77
CA ARG B 106 12.91 -30.88 7.77
C ARG B 106 14.19 -31.61 7.36
N TYR B 107 14.27 -32.90 7.67
CA TYR B 107 15.42 -33.71 7.25
C TYR B 107 15.06 -34.67 6.14
N ILE B 108 15.91 -34.70 5.11
CA ILE B 108 15.81 -35.69 4.05
C ILE B 108 16.95 -36.69 4.25
N LEU B 109 16.57 -37.94 4.42
CA LEU B 109 17.51 -39.00 4.79
C LEU B 109 17.93 -39.83 3.59
N HIS B 110 19.25 -40.04 3.45
CA HIS B 110 19.82 -40.97 2.47
C HIS B 110 20.71 -41.96 3.19
N ARG B 111 20.61 -43.24 2.85
CA ARG B 111 21.61 -44.18 3.36
C ARG B 111 22.73 -44.37 2.35
N LEU B 112 23.95 -44.13 2.78
CA LEU B 112 25.11 -44.23 1.87
C LEU B 112 25.56 -45.67 1.78
N PRO B 113 25.83 -46.14 0.56
CA PRO B 113 26.14 -47.57 0.36
C PRO B 113 27.49 -48.05 0.88
N ALA B 114 28.47 -47.15 0.97
CA ALA B 114 29.83 -47.58 1.33
C ALA B 114 29.90 -48.13 2.75
N ASP B 115 29.18 -47.48 3.67
CA ASP B 115 29.30 -47.83 5.08
C ASP B 115 27.97 -47.84 5.82
N ARG B 116 26.89 -47.66 5.06
CA ARG B 116 25.53 -47.63 5.62
CA ARG B 116 25.52 -47.62 5.61
C ARG B 116 25.28 -46.50 6.60
N SER B 117 26.12 -45.46 6.53
CA SER B 117 25.87 -44.25 7.29
CA SER B 117 25.85 -44.26 7.29
C SER B 117 24.61 -43.58 6.74
N ILE B 118 24.03 -42.70 7.52
CA ILE B 118 22.85 -41.97 7.09
C ILE B 118 23.23 -40.49 7.02
N LEU B 119 23.02 -39.88 5.86
CA LEU B 119 23.24 -38.46 5.67
C LEU B 119 21.89 -37.77 5.81
N MET B 120 21.82 -36.78 6.69
CA MET B 120 20.58 -36.09 6.99
C MET B 120 20.70 -34.68 6.47
N LEU B 121 19.85 -34.32 5.52
CA LEU B 121 19.93 -33.02 4.85
C LEU B 121 18.82 -32.15 5.42
N GLY B 122 19.20 -31.12 6.18
CA GLY B 122 18.23 -30.37 6.95
C GLY B 122 17.89 -28.99 6.42
N ARG B 123 16.60 -28.72 6.32
CA ARG B 123 16.11 -27.38 5.99
C ARG B 123 15.42 -26.78 7.22
N ASP B 124 15.87 -25.61 7.65
CA ASP B 124 15.28 -24.93 8.78
C ASP B 124 14.17 -24.04 8.26
N LEU B 125 12.94 -24.31 8.69
CA LEU B 125 11.81 -23.51 8.19
C LEU B 125 11.40 -22.39 9.14
N ARG B 126 12.11 -22.25 10.25
CA ARG B 126 11.87 -21.12 11.16
C ARG B 126 12.09 -19.73 10.51
N PRO B 127 13.19 -19.54 9.75
CA PRO B 127 13.37 -18.20 9.17
C PRO B 127 12.21 -17.73 8.28
N ILE B 128 11.67 -18.61 7.45
CA ILE B 128 10.51 -18.25 6.64
C ILE B 128 9.36 -17.80 7.53
N ALA B 129 9.12 -18.54 8.61
CA ALA B 129 8.03 -18.23 9.52
C ALA B 129 8.19 -16.84 10.14
N GLU B 130 9.41 -16.51 10.56
CA GLU B 130 9.64 -15.25 11.26
C GLU B 130 9.52 -14.07 10.31
N VAL B 131 10.01 -14.26 9.09
CA VAL B 131 9.88 -13.23 8.06
C VAL B 131 8.41 -12.95 7.76
N GLN B 132 7.62 -14.02 7.62
CA GLN B 132 6.17 -13.87 7.46
C GLN B 132 5.54 -13.11 8.61
N GLN B 133 5.95 -13.41 9.85
CA GLN B 133 5.41 -12.69 11.02
C GLN B 133 5.70 -11.19 10.95
N GLN B 134 6.89 -10.83 10.48
CA GLN B 134 7.25 -9.43 10.31
C GLN B 134 6.27 -8.73 9.39
N LEU B 135 5.97 -9.36 8.26
CA LEU B 135 5.07 -8.78 7.28
C LEU B 135 3.65 -8.67 7.85
N VAL B 136 3.20 -9.70 8.55
CA VAL B 136 1.87 -9.66 9.17
C VAL B 136 1.76 -8.53 10.19
N ALA B 137 2.80 -8.37 11.01
CA ALA B 137 2.81 -7.34 12.04
C ALA B 137 2.86 -5.95 11.41
N ALA B 138 3.56 -5.83 10.28
CA ALA B 138 3.64 -4.55 9.58
C ALA B 138 2.27 -4.19 9.05
N GLN B 139 1.60 -5.17 8.44
CA GLN B 139 0.25 -4.94 7.93
C GLN B 139 -0.71 -4.49 9.02
N LEU B 140 -0.68 -5.18 10.15
CA LEU B 140 -1.56 -4.84 11.27
C LEU B 140 -1.30 -3.42 11.75
N ALA B 141 -0.03 -3.06 11.90
CA ALA B 141 0.34 -1.72 12.36
C ALA B 141 -0.12 -0.65 11.37
N MET B 142 0.05 -0.92 10.07
CA MET B 142 -0.33 0.06 9.05
C MET B 142 -1.84 0.29 9.09
N GLU B 143 -2.60 -0.81 9.11
CA GLU B 143 -4.06 -0.71 9.17
C GLU B 143 -4.52 0.07 10.41
N ARG B 144 -3.86 -0.17 11.55
CA ARG B 144 -4.19 0.58 12.77
C ARG B 144 -3.87 2.08 12.66
N ASP B 145 -2.81 2.43 11.92
CA ASP B 145 -2.47 3.84 11.74
C ASP B 145 -3.58 4.56 10.98
N TYR B 146 -4.13 3.91 9.96
CA TYR B 146 -5.18 4.54 9.16
C TYR B 146 -6.50 4.61 9.95
N GLU B 147 -6.70 3.67 10.85
CA GLU B 147 -7.88 3.72 11.73
C GLU B 147 -8.00 5.06 12.45
N THR B 148 -6.85 5.66 12.77
CA THR B 148 -6.78 6.92 13.50
C THR B 148 -7.07 8.18 12.64
N GLN B 149 -7.39 8.00 11.36
CA GLN B 149 -7.61 9.15 10.49
C GLN B 149 -8.92 9.10 9.70
N ARG B 150 -9.85 8.30 10.17
CA ARG B 150 -11.09 8.09 9.43
C ARG B 150 -12.16 9.07 9.91
N GLU B 151 -11.72 10.25 10.33
CA GLU B 151 -12.64 11.14 11.02
C GLU B 151 -13.61 11.90 10.10
N MET B 152 -13.23 12.12 8.86
CA MET B 152 -14.03 13.01 8.01
C MET B 152 -15.36 12.41 7.57
N GLU B 153 -15.40 11.11 7.34
CA GLU B 153 -16.68 10.48 7.05
C GLU B 153 -17.63 10.63 8.24
N THR B 154 -17.11 10.47 9.46
CA THR B 154 -17.94 10.60 10.65
C THR B 154 -18.44 12.05 10.84
N ARG B 155 -17.54 13.02 10.68
CA ARG B 155 -17.94 14.43 10.80
C ARG B 155 -19.02 14.77 9.78
N TYR B 156 -18.81 14.34 8.54
CA TYR B 156 -19.79 14.56 7.49
C TYR B 156 -21.16 13.99 7.84
N ARG B 157 -21.19 12.73 8.26
CA ARG B 157 -22.46 12.08 8.61
C ARG B 157 -23.19 12.83 9.71
N VAL B 158 -22.47 13.21 10.76
CA VAL B 158 -23.08 13.84 11.91
C VAL B 158 -23.60 15.23 11.56
N VAL B 159 -22.80 15.99 10.81
CA VAL B 159 -23.21 17.36 10.49
C VAL B 159 -24.41 17.36 9.57
N LEU B 160 -24.40 16.48 8.57
CA LEU B 160 -25.54 16.39 7.66
C LEU B 160 -26.80 15.98 8.41
N ASP B 161 -26.67 14.99 9.28
CA ASP B 161 -27.82 14.47 10.02
C ASP B 161 -28.39 15.48 11.02
N VAL B 162 -27.52 16.21 11.71
CA VAL B 162 -27.96 17.16 12.73
C VAL B 162 -28.54 18.43 12.10
N SER B 163 -27.94 18.86 10.99
CA SER B 163 -28.36 20.10 10.32
C SER B 163 -29.84 20.11 9.95
N ARG B 164 -30.54 21.19 10.33
CA ARG B 164 -31.97 21.29 10.08
C ARG B 164 -32.24 21.90 8.71
N ASP B 165 -31.18 22.34 8.04
CA ASP B 165 -31.30 22.85 6.68
C ASP B 165 -31.50 21.66 5.70
N PRO B 166 -32.66 21.59 5.03
CA PRO B 166 -32.95 20.41 4.20
C PRO B 166 -31.99 20.31 3.01
N MET B 167 -31.26 19.20 2.91
CA MET B 167 -30.27 19.08 1.87
C MET B 167 -30.30 17.71 1.25
N VAL B 168 -30.11 17.68 -0.06
CA VAL B 168 -29.99 16.44 -0.84
C VAL B 168 -28.73 16.53 -1.69
N LEU B 169 -27.94 15.45 -1.66
CA LEU B 169 -26.71 15.34 -2.47
C LEU B 169 -26.96 14.35 -3.60
N VAL B 170 -26.60 14.75 -4.82
CA VAL B 170 -26.90 13.97 -6.00
C VAL B 170 -25.62 13.74 -6.79
N SER B 171 -25.41 12.51 -7.27
CA SER B 171 -24.30 12.24 -8.16
C SER B 171 -24.59 12.84 -9.52
N MET B 172 -23.70 13.69 -10.03
CA MET B 172 -23.89 14.20 -11.38
C MET B 172 -23.67 13.14 -12.44
N SER B 173 -22.90 12.11 -12.12
CA SER B 173 -22.66 11.01 -13.05
C SER B 173 -23.90 10.15 -13.26
N THR B 174 -24.62 9.86 -12.19
CA THR B 174 -25.72 8.88 -12.25
C THR B 174 -27.09 9.53 -12.17
N GLY B 175 -27.14 10.77 -11.69
CA GLY B 175 -28.39 11.48 -11.51
C GLY B 175 -29.16 10.98 -10.29
N ARG B 176 -28.51 10.15 -9.47
CA ARG B 176 -29.18 9.55 -8.30
C ARG B 176 -28.77 10.20 -6.98
N ILE B 177 -29.72 10.25 -6.05
CA ILE B 177 -29.47 10.77 -4.71
C ILE B 177 -28.40 9.90 -4.06
N VAL B 178 -27.32 10.52 -3.59
CA VAL B 178 -26.31 9.78 -2.82
C VAL B 178 -26.46 9.95 -1.31
N ASP B 179 -27.08 11.06 -0.89
CA ASP B 179 -27.34 11.25 0.54
C ASP B 179 -28.38 12.36 0.72
N LEU B 180 -28.96 12.43 1.91
CA LEU B 180 -29.88 13.51 2.26
C LEU B 180 -30.07 13.46 3.77
N ASN B 181 -30.67 14.49 4.34
CA ASN B 181 -31.01 14.43 5.76
C ASN B 181 -32.51 14.28 5.99
N SER B 182 -32.91 14.06 7.24
CA SER B 182 -34.32 13.84 7.54
CA SER B 182 -34.32 13.86 7.57
C SER B 182 -35.17 15.07 7.21
N ALA B 183 -34.58 16.26 7.31
CA ALA B 183 -35.32 17.48 6.97
C ALA B 183 -35.71 17.48 5.49
N ALA B 184 -34.80 17.03 4.61
CA ALA B 184 -35.12 16.93 3.20
C ALA B 184 -36.15 15.83 2.97
N GLY B 185 -35.98 14.73 3.68
CA GLY B 185 -36.91 13.61 3.58
C GLY B 185 -38.34 14.03 3.84
N LEU B 186 -38.55 14.83 4.88
CA LEU B 186 -39.88 15.33 5.19
C LEU B 186 -40.49 16.12 4.04
N LEU B 187 -39.69 16.95 3.39
CA LEU B 187 -40.22 17.79 2.30
C LEU B 187 -40.50 16.96 1.05
N LEU B 188 -39.63 15.98 0.79
CA LEU B 188 -39.78 15.13 -0.38
C LEU B 188 -40.87 14.07 -0.20
N GLY B 189 -41.13 13.71 1.05
CA GLY B 189 -42.19 12.76 1.36
C GLY B 189 -41.79 11.31 1.54
N GLY B 190 -40.56 11.05 1.92
CA GLY B 190 -40.16 9.70 2.28
C GLY B 190 -39.07 9.67 3.33
N VAL B 191 -38.89 8.54 4.00
CA VAL B 191 -37.78 8.42 4.93
C VAL B 191 -36.46 8.37 4.16
N ARG B 192 -35.40 8.84 4.80
CA ARG B 192 -34.08 8.93 4.17
C ARG B 192 -33.68 7.67 3.40
N GLN B 193 -33.78 6.54 4.08
CA GLN B 193 -33.35 5.25 3.53
C GLN B 193 -34.10 4.88 2.25
N ASP B 194 -35.32 5.38 2.09
CA ASP B 194 -36.09 5.06 0.88
C ASP B 194 -35.74 5.98 -0.30
N LEU B 195 -35.11 7.12 -0.01
CA LEU B 195 -34.74 8.06 -1.05
C LEU B 195 -33.30 7.86 -1.55
N LEU B 196 -32.45 7.23 -0.75
CA LEU B 196 -31.08 6.91 -1.18
C LEU B 196 -31.16 6.08 -2.45
N GLY B 197 -30.41 6.50 -3.46
CA GLY B 197 -30.35 5.80 -4.72
C GLY B 197 -31.42 6.17 -5.72
N ALA B 198 -32.38 7.01 -5.32
CA ALA B 198 -33.47 7.39 -6.21
C ALA B 198 -33.00 8.38 -7.27
N ALA B 199 -33.54 8.25 -8.48
CA ALA B 199 -33.28 9.21 -9.54
C ALA B 199 -33.91 10.54 -9.15
N ILE B 200 -33.10 11.61 -9.12
CA ILE B 200 -33.60 12.88 -8.57
C ILE B 200 -34.71 13.48 -9.44
N ALA B 201 -34.60 13.38 -10.75
CA ALA B 201 -35.60 14.00 -11.63
C ALA B 201 -36.99 13.39 -11.43
N GLN B 202 -37.02 12.08 -11.15
CA GLN B 202 -38.29 11.37 -11.02
C GLN B 202 -38.99 11.65 -9.69
N GLU B 203 -38.34 12.38 -8.79
CA GLU B 203 -38.99 12.83 -7.57
C GLU B 203 -39.88 14.04 -7.83
N PHE B 204 -39.73 14.66 -9.00
CA PHE B 204 -40.43 15.92 -9.28
C PHE B 204 -41.32 15.80 -10.51
N GLU B 205 -42.60 16.14 -10.37
CA GLU B 205 -43.56 15.89 -11.44
C GLU B 205 -43.21 16.64 -12.72
N GLY B 206 -43.26 15.91 -13.84
CA GLY B 206 -42.98 16.48 -15.14
C GLY B 206 -41.51 16.76 -15.46
N ARG B 207 -40.60 16.26 -14.63
CA ARG B 207 -39.18 16.47 -14.90
C ARG B 207 -38.52 15.20 -15.45
N ARG B 208 -37.47 15.38 -16.24
CA ARG B 208 -36.72 14.27 -16.80
C ARG B 208 -35.23 14.46 -16.54
N ARG B 209 -34.48 13.37 -16.44
CA ARG B 209 -33.10 13.43 -15.99
C ARG B 209 -32.24 14.44 -16.74
N GLY B 210 -32.19 14.33 -18.07
CA GLY B 210 -31.38 15.20 -18.88
C GLY B 210 -31.66 16.67 -18.69
N GLU B 211 -32.91 17.07 -18.96
CA GLU B 211 -33.29 18.47 -18.89
C GLU B 211 -33.19 19.01 -17.45
N PHE B 212 -33.51 18.18 -16.46
CA PHE B 212 -33.44 18.61 -15.08
C PHE B 212 -32.01 18.83 -14.61
N MET B 213 -31.11 17.92 -14.96
CA MET B 213 -29.71 18.12 -14.57
C MET B 213 -29.10 19.34 -15.27
N GLU B 214 -29.49 19.57 -16.52
CA GLU B 214 -29.02 20.75 -17.26
C GLU B 214 -29.49 22.02 -16.55
N THR B 215 -30.77 22.04 -16.19
CA THR B 215 -31.37 23.17 -15.45
C THR B 215 -30.59 23.46 -14.17
N MET B 216 -30.34 22.42 -13.39
CA MET B 216 -29.58 22.53 -12.14
C MET B 216 -28.16 23.02 -12.37
N THR B 217 -27.46 22.39 -13.31
CA THR B 217 -26.07 22.76 -13.60
C THR B 217 -25.95 24.20 -14.06
N ASN B 218 -26.86 24.62 -14.94
CA ASN B 218 -26.85 25.99 -15.46
C ASN B 218 -27.07 27.02 -14.37
N LEU B 219 -28.07 26.78 -13.52
CA LEU B 219 -28.35 27.68 -12.39
C LEU B 219 -27.19 27.76 -11.43
N ALA B 220 -26.56 26.62 -11.15
CA ALA B 220 -25.42 26.57 -10.24
C ALA B 220 -24.24 27.40 -10.74
N ALA B 221 -24.05 27.43 -12.06
CA ALA B 221 -22.93 28.18 -12.65
C ALA B 221 -23.20 29.68 -12.67
N THR B 222 -24.48 30.03 -12.75
CA THR B 222 -24.90 31.43 -12.71
C THR B 222 -24.69 32.00 -11.30
N GLU B 223 -24.66 31.11 -10.31
CA GLU B 223 -24.54 31.49 -8.89
C GLU B 223 -25.67 32.43 -8.48
N SER B 224 -26.79 32.35 -9.19
CA SER B 224 -27.93 33.22 -8.94
C SER B 224 -28.65 32.80 -7.67
N ALA B 225 -28.67 31.50 -7.42
CA ALA B 225 -29.38 30.90 -6.28
C ALA B 225 -30.88 31.20 -6.27
N ALA B 226 -31.39 31.73 -7.37
CA ALA B 226 -32.82 31.89 -7.57
C ALA B 226 -33.42 30.53 -7.87
N PRO B 227 -34.32 30.05 -7.01
CA PRO B 227 -34.69 28.63 -6.97
C PRO B 227 -35.53 28.13 -8.15
N VAL B 228 -35.39 26.84 -8.45
CA VAL B 228 -36.27 26.16 -9.39
C VAL B 228 -37.50 25.66 -8.64
N GLU B 229 -38.68 25.96 -9.16
CA GLU B 229 -39.93 25.49 -8.60
C GLU B 229 -40.21 24.06 -9.03
N VAL B 230 -40.35 23.16 -8.06
CA VAL B 230 -40.72 21.78 -8.35
C VAL B 230 -41.91 21.33 -7.51
N LEU B 231 -42.56 20.26 -7.94
CA LEU B 231 -43.62 19.63 -7.14
C LEU B 231 -43.15 18.23 -6.80
N ALA B 232 -42.93 17.97 -5.51
CA ALA B 232 -42.44 16.67 -5.06
C ALA B 232 -43.52 15.60 -5.20
N ARG B 233 -43.18 14.51 -5.86
CA ARG B 233 -44.11 13.43 -6.18
CA ARG B 233 -44.16 13.47 -6.17
C ARG B 233 -44.71 12.79 -4.91
N ARG B 234 -43.85 12.42 -3.99
CA ARG B 234 -44.28 11.67 -2.82
C ARG B 234 -45.14 12.48 -1.84
N SER B 235 -44.71 13.70 -1.55
CA SER B 235 -45.41 14.53 -0.56
C SER B 235 -46.46 15.46 -1.17
N GLN B 236 -46.42 15.61 -2.49
CA GLN B 236 -47.28 16.57 -3.21
C GLN B 236 -47.09 18.00 -2.71
N LYS B 237 -45.89 18.29 -2.21
CA LYS B 237 -45.53 19.64 -1.80
C LYS B 237 -44.81 20.39 -2.93
N ARG B 238 -45.17 21.64 -3.15
CA ARG B 238 -44.38 22.48 -4.02
C ARG B 238 -43.16 22.99 -3.24
N LEU B 239 -41.99 22.89 -3.87
CA LEU B 239 -40.73 23.20 -3.20
C LEU B 239 -39.89 24.16 -4.03
N LEU B 240 -38.90 24.77 -3.38
CA LEU B 240 -37.91 25.61 -4.06
C LEU B 240 -36.54 24.95 -3.89
N VAL B 241 -35.86 24.73 -5.00
CA VAL B 241 -34.58 24.02 -4.97
C VAL B 241 -33.45 24.95 -5.40
N VAL B 242 -32.43 25.09 -4.54
CA VAL B 242 -31.27 25.90 -4.87
C VAL B 242 -30.06 24.98 -5.05
N PRO B 243 -29.52 24.90 -6.28
CA PRO B 243 -28.44 23.97 -6.58
C PRO B 243 -27.04 24.58 -6.45
N ARG B 244 -26.09 23.75 -6.02
CA ARG B 244 -24.69 24.08 -6.06
C ARG B 244 -23.93 22.86 -6.56
N VAL B 245 -22.93 23.09 -7.39
CA VAL B 245 -22.16 21.99 -7.96
C VAL B 245 -20.72 22.08 -7.47
N PHE B 246 -20.12 20.94 -7.12
CA PHE B 246 -18.74 20.92 -6.68
C PHE B 246 -18.06 19.60 -7.02
N ARG B 247 -16.72 19.64 -7.00
CA ARG B 247 -15.89 18.47 -7.23
C ARG B 247 -15.39 18.00 -5.88
N ALA B 248 -15.43 16.70 -5.64
CA ALA B 248 -14.92 16.17 -4.38
C ALA B 248 -13.99 14.99 -4.64
N ALA B 249 -12.70 15.26 -4.71
CA ALA B 249 -11.69 14.23 -4.97
C ALA B 249 -12.07 13.28 -6.10
N GLY B 250 -12.42 13.86 -7.24
CA GLY B 250 -12.73 13.07 -8.43
C GLY B 250 -14.22 12.84 -8.63
N GLU B 251 -15.02 13.11 -7.61
CA GLU B 251 -16.47 12.95 -7.71
C GLU B 251 -17.16 14.28 -7.98
N ARG B 252 -18.01 14.29 -9.01
CA ARG B 252 -18.79 15.49 -9.33
C ARG B 252 -20.16 15.42 -8.66
N LEU B 253 -20.44 16.36 -7.76
CA LEU B 253 -21.65 16.30 -6.93
C LEU B 253 -22.53 17.51 -7.08
N LEU B 254 -23.82 17.29 -6.94
CA LEU B 254 -24.80 18.38 -6.90
C LEU B 254 -25.42 18.42 -5.52
N LEU B 255 -25.38 19.58 -4.86
CA LEU B 255 -26.05 19.71 -3.57
C LEU B 255 -27.28 20.58 -3.75
N CYS B 256 -28.43 20.08 -3.31
CA CYS B 256 -29.67 20.86 -3.41
C CYS B 256 -30.12 21.26 -2.02
N GLN B 257 -30.31 22.56 -1.83
CA GLN B 257 -30.91 23.07 -0.61
C GLN B 257 -32.39 23.19 -0.96
N ILE B 258 -33.26 22.74 -0.06
CA ILE B 258 -34.68 22.72 -0.35
C ILE B 258 -35.51 23.49 0.67
N ASP B 259 -36.48 24.26 0.17
CA ASP B 259 -37.41 24.97 1.02
C ASP B 259 -38.84 24.74 0.53
N PRO B 260 -39.81 24.80 1.44
CA PRO B 260 -41.21 24.75 1.01
C PRO B 260 -41.56 26.02 0.23
N ALA B 261 -42.40 25.89 -0.79
CA ALA B 261 -42.70 27.01 -1.68
C ALA B 261 -44.04 27.67 -1.40
N ASP B 262 -45.08 26.86 -1.20
CA ASP B 262 -46.43 27.39 -1.05
C ASP B 262 -46.68 27.92 0.36
N GLY C 17 20.18 20.70 12.82
CA GLY C 17 20.15 21.91 12.02
C GLY C 17 20.41 21.61 10.55
N ARG C 18 21.39 22.28 9.96
CA ARG C 18 21.79 21.99 8.59
C ARG C 18 22.72 20.78 8.59
N SER C 19 23.32 20.51 9.75
CA SER C 19 24.03 19.27 9.98
C SER C 19 23.05 18.11 9.90
N GLY C 20 21.89 18.29 10.51
CA GLY C 20 20.82 17.31 10.42
C GLY C 20 20.42 17.12 8.97
N ARG C 21 20.29 18.22 8.24
CA ARG C 21 19.87 18.18 6.84
C ARG C 21 20.83 17.35 5.98
N ALA C 22 22.13 17.57 6.18
CA ALA C 22 23.16 16.89 5.40
C ALA C 22 23.15 15.38 5.62
N LYS C 23 22.65 14.96 6.77
CA LYS C 23 22.71 13.56 7.18
C LYS C 23 21.40 12.82 6.95
N ALA C 24 20.35 13.56 6.58
CA ALA C 24 19.00 13.02 6.54
C ALA C 24 18.82 11.82 5.60
N VAL C 25 19.37 11.92 4.40
CA VAL C 25 19.21 10.82 3.44
C VAL C 25 19.88 9.53 3.95
N ALA C 26 21.11 9.66 4.43
CA ALA C 26 21.83 8.49 4.97
C ALA C 26 21.12 7.89 6.19
N ARG C 27 20.72 8.74 7.12
CA ARG C 27 20.03 8.28 8.33
C ARG C 27 18.70 7.59 8.01
N LEU C 28 17.92 8.18 7.12
CA LEU C 28 16.62 7.60 6.74
C LEU C 28 16.81 6.27 6.03
N SER C 29 17.75 6.22 5.10
CA SER C 29 18.03 4.98 4.37
C SER C 29 18.42 3.84 5.30
N ASP C 30 19.21 4.17 6.33
CA ASP C 30 19.62 3.17 7.31
C ASP C 30 18.41 2.65 8.09
N LEU C 31 17.61 3.59 8.60
CA LEU C 31 16.42 3.24 9.36
C LEU C 31 15.48 2.34 8.55
N LEU C 32 15.31 2.69 7.28
CA LEU C 32 14.39 1.98 6.41
C LEU C 32 14.90 0.59 6.05
N SER C 33 16.23 0.42 6.08
CA SER C 33 16.87 -0.83 5.68
C SER C 33 17.03 -1.84 6.80
N THR C 34 16.70 -1.44 8.03
CA THR C 34 17.03 -2.27 9.17
C THR C 34 15.79 -2.62 9.99
N ASP C 35 15.19 -1.62 10.61
CA ASP C 35 14.00 -1.85 11.45
C ASP C 35 12.99 -0.73 11.22
N PRO C 36 12.39 -0.68 10.01
CA PRO C 36 11.54 0.45 9.66
C PRO C 36 10.29 0.57 10.55
N LEU C 37 9.70 -0.55 10.93
CA LEU C 37 8.48 -0.51 11.74
C LEU C 37 8.81 -0.28 13.21
N GLY C 38 9.84 -0.96 13.70
CA GLY C 38 10.28 -0.79 15.07
C GLY C 38 10.80 0.60 15.37
N ARG C 39 11.37 1.27 14.35
CA ARG C 39 11.91 2.61 14.55
C ARG C 39 11.15 3.64 13.75
N LEU C 40 9.87 3.36 13.55
CA LEU C 40 9.02 4.23 12.76
C LEU C 40 8.92 5.64 13.35
N THR C 41 9.00 5.77 14.67
CA THR C 41 8.98 7.09 15.28
C THR C 41 10.18 7.92 14.85
N GLU C 42 11.34 7.27 14.75
CA GLU C 42 12.56 7.96 14.32
C GLU C 42 12.47 8.32 12.84
N VAL C 43 11.86 7.44 12.06
CA VAL C 43 11.61 7.73 10.65
C VAL C 43 10.71 8.97 10.53
N GLU C 44 9.62 8.95 11.29
CA GLU C 44 8.69 10.08 11.33
C GLU C 44 9.36 11.38 11.79
N GLU C 45 10.23 11.29 12.81
CA GLU C 45 10.94 12.45 13.35
C GLU C 45 11.81 13.11 12.30
N LEU C 46 12.53 12.29 11.55
CA LEU C 46 13.41 12.79 10.50
CA LEU C 46 13.41 12.78 10.50
C LEU C 46 12.62 13.48 9.40
N LEU C 47 11.55 12.85 8.96
CA LEU C 47 10.71 13.42 7.91
C LEU C 47 9.96 14.67 8.38
N ARG C 48 9.53 14.68 9.63
CA ARG C 48 8.88 15.88 10.17
C ARG C 48 9.86 17.07 10.12
N ALA C 49 11.08 16.83 10.57
CA ALA C 49 12.11 17.86 10.58
C ALA C 49 12.52 18.34 9.19
N HIS C 50 12.69 17.40 8.26
CA HIS C 50 13.29 17.76 6.98
C HIS C 50 12.36 17.72 5.77
N ALA C 51 11.09 17.39 6.00
CA ALA C 51 10.12 17.43 4.91
C ALA C 51 8.89 18.29 5.23
N PRO C 52 9.08 19.61 5.29
CA PRO C 52 7.96 20.49 5.65
C PRO C 52 6.86 20.54 4.59
N THR C 53 7.18 20.16 3.35
CA THR C 53 6.18 20.11 2.29
C THR C 53 6.28 18.73 1.65
N ALA C 54 5.25 18.35 0.90
CA ALA C 54 5.25 17.07 0.21
C ALA C 54 6.36 17.02 -0.85
N ALA C 55 6.69 18.16 -1.44
CA ALA C 55 7.78 18.16 -2.42
C ALA C 55 9.11 17.81 -1.75
N ASP C 56 9.33 18.33 -0.54
CA ASP C 56 10.53 17.96 0.22
C ASP C 56 10.52 16.47 0.55
N PHE C 57 9.35 15.94 0.91
CA PHE C 57 9.21 14.52 1.21
C PHE C 57 9.56 13.72 -0.04
N ALA C 58 9.09 14.19 -1.19
CA ALA C 58 9.37 13.49 -2.46
C ALA C 58 10.87 13.50 -2.76
N ARG C 59 11.55 14.63 -2.55
CA ARG C 59 12.99 14.69 -2.78
C ARG C 59 13.76 13.70 -1.90
N LEU C 60 13.40 13.64 -0.62
CA LEU C 60 14.07 12.74 0.32
CA LEU C 60 14.06 12.76 0.33
C LEU C 60 13.73 11.29 0.02
N PHE C 61 12.47 11.02 -0.26
CA PHE C 61 12.09 9.64 -0.62
C PHE C 61 12.84 9.18 -1.86
N GLU C 62 12.86 10.01 -2.91
CA GLU C 62 13.50 9.52 -4.14
C GLU C 62 15.00 9.25 -3.95
N ALA C 63 15.66 10.09 -3.16
CA ALA C 63 17.07 9.87 -2.81
C ALA C 63 17.26 8.53 -2.07
N CYS C 64 16.41 8.31 -1.06
CA CYS C 64 16.47 7.04 -0.32
C CYS C 64 16.19 5.85 -1.22
N ALA C 65 15.24 6.01 -2.14
CA ALA C 65 14.90 4.89 -3.03
C ALA C 65 16.07 4.50 -3.92
N GLU C 66 16.86 5.48 -4.36
CA GLU C 66 18.06 5.16 -5.12
C GLU C 66 19.03 4.30 -4.29
N ARG C 67 19.15 4.62 -3.01
CA ARG C 67 20.03 3.88 -2.12
C ARG C 67 19.50 2.48 -1.84
N LEU C 68 18.19 2.36 -1.68
CA LEU C 68 17.58 1.05 -1.44
C LEU C 68 17.71 0.17 -2.67
N THR C 69 17.52 0.77 -3.84
CA THR C 69 17.67 0.06 -5.12
C THR C 69 19.08 -0.51 -5.26
N ARG C 70 20.07 0.30 -4.93
CA ARG C 70 21.46 -0.16 -4.96
C ARG C 70 21.74 -1.27 -3.94
N ALA C 71 21.18 -1.13 -2.73
CA ALA C 71 21.40 -2.13 -1.69
C ALA C 71 20.82 -3.47 -2.11
N LEU C 72 19.67 -3.41 -2.79
CA LEU C 72 19.02 -4.64 -3.23
C LEU C 72 19.87 -5.27 -4.32
N ALA C 73 20.43 -4.43 -5.19
CA ALA C 73 21.29 -4.91 -6.27
C ALA C 73 22.55 -5.62 -5.76
N GLU C 74 23.04 -5.21 -4.60
CA GLU C 74 24.24 -5.80 -4.02
C GLU C 74 23.89 -6.88 -2.98
N ASP C 75 22.60 -7.19 -2.91
CA ASP C 75 22.06 -8.16 -1.94
C ASP C 75 22.35 -7.83 -0.48
N ARG C 76 22.46 -6.54 -0.17
CA ARG C 76 22.64 -6.12 1.21
C ARG C 76 21.27 -6.07 1.92
N ILE C 77 20.21 -5.96 1.14
CA ILE C 77 18.83 -6.10 1.65
C ILE C 77 18.01 -6.93 0.66
N SER C 78 16.86 -7.40 1.12
CA SER C 78 15.97 -8.24 0.33
C SER C 78 14.75 -7.46 -0.15
N ARG C 79 14.01 -8.02 -1.10
CA ARG C 79 12.79 -7.37 -1.56
C ARG C 79 11.77 -7.31 -0.43
N MET C 80 11.75 -8.34 0.41
CA MET C 80 10.91 -8.29 1.61
C MET C 80 11.22 -7.03 2.43
N GLN C 81 12.51 -6.76 2.64
CA GLN C 81 12.91 -5.59 3.41
C GLN C 81 12.50 -4.27 2.75
N VAL C 82 12.58 -4.21 1.43
CA VAL C 82 12.13 -3.01 0.71
C VAL C 82 10.62 -2.82 0.88
N THR C 83 9.90 -3.93 0.87
CA THR C 83 8.45 -3.88 1.08
C THR C 83 8.10 -3.33 2.47
N LEU C 84 8.84 -3.75 3.49
CA LEU C 84 8.60 -3.23 4.83
C LEU C 84 8.92 -1.74 4.90
N ALA C 85 10.02 -1.34 4.28
CA ALA C 85 10.43 0.08 4.22
C ALA C 85 9.34 0.92 3.60
N TYR C 86 8.78 0.41 2.51
CA TYR C 86 7.80 1.15 1.75
C TYR C 86 6.50 1.33 2.56
N SER C 87 6.09 0.31 3.31
CA SER C 87 4.93 0.42 4.18
CA SER C 87 4.92 0.44 4.17
C SER C 87 5.18 1.46 5.28
N ALA C 88 6.39 1.44 5.85
CA ALA C 88 6.71 2.40 6.90
C ALA C 88 6.71 3.85 6.37
N LEU C 89 7.21 4.04 5.16
CA LEU C 89 7.18 5.37 4.53
C LEU C 89 5.76 5.87 4.31
N GLN C 90 4.89 4.97 3.88
CA GLN C 90 3.49 5.30 3.69
C GLN C 90 2.85 5.74 5.00
N MET C 91 3.12 4.98 6.08
CA MET C 91 2.62 5.37 7.40
C MET C 91 3.16 6.75 7.82
N ALA C 92 4.48 6.94 7.67
CA ALA C 92 5.10 8.23 8.03
C ALA C 92 4.49 9.37 7.23
N LEU C 93 4.30 9.17 5.93
CA LEU C 93 3.68 10.20 5.10
C LEU C 93 2.33 10.62 5.71
N ARG C 94 1.50 9.65 6.07
CA ARG C 94 0.14 9.97 6.53
C ARG C 94 0.07 10.52 7.95
N ARG C 95 1.17 10.45 8.68
CA ARG C 95 1.27 11.09 9.99
C ARG C 95 1.63 12.56 9.87
N ILE C 96 2.03 12.98 8.67
CA ILE C 96 2.58 14.32 8.44
C ILE C 96 1.81 15.13 7.38
N HIS C 97 1.59 14.53 6.21
CA HIS C 97 0.98 15.23 5.08
C HIS C 97 -0.33 14.58 4.64
N HIS C 98 -1.40 15.35 4.69
CA HIS C 98 -2.73 14.86 4.31
C HIS C 98 -3.66 16.01 3.96
N LEU C 99 -3.33 16.74 2.89
CA LEU C 99 -4.09 17.95 2.56
C LEU C 99 -5.48 17.68 2.06
N PRO C 100 -6.42 18.56 2.44
CA PRO C 100 -7.73 18.47 1.80
C PRO C 100 -7.62 18.72 0.32
N ASP C 101 -8.50 18.08 -0.45
CA ASP C 101 -8.62 18.40 -1.86
C ASP C 101 -9.16 19.83 -1.96
N PRO C 102 -8.49 20.67 -2.76
CA PRO C 102 -8.88 22.10 -2.77
C PRO C 102 -10.20 22.36 -3.48
N GLN C 103 -11.05 23.18 -2.88
CA GLN C 103 -12.34 23.50 -3.50
C GLN C 103 -12.21 24.68 -4.45
N LYS C 104 -11.30 25.61 -4.14
CA LYS C 104 -10.94 26.65 -5.09
C LYS C 104 -9.78 26.12 -5.91
N SER C 105 -10.10 25.56 -7.08
CA SER C 105 -9.09 24.83 -7.84
C SER C 105 -8.69 25.53 -9.13
N VAL C 106 -7.47 25.25 -9.58
CA VAL C 106 -6.97 25.78 -10.84
C VAL C 106 -7.26 24.83 -11.99
N GLY C 107 -7.72 23.61 -11.66
CA GLY C 107 -8.03 22.61 -12.66
C GLY C 107 -8.16 21.24 -12.01
N ALA C 108 -8.47 20.22 -12.80
CA ALA C 108 -8.62 18.86 -12.28
C ALA C 108 -7.60 17.93 -12.89
N VAL C 109 -7.08 17.02 -12.08
CA VAL C 109 -6.03 16.11 -12.54
C VAL C 109 -6.27 14.74 -11.91
N LEU C 110 -5.90 13.70 -12.65
CA LEU C 110 -6.00 12.35 -12.15
CA LEU C 110 -6.00 12.34 -12.16
C LEU C 110 -4.60 11.74 -12.16
N VAL C 111 -4.21 11.15 -11.03
CA VAL C 111 -2.91 10.48 -10.91
C VAL C 111 -3.16 8.99 -11.00
N ALA C 112 -2.46 8.29 -11.89
CA ALA C 112 -2.69 6.86 -12.04
C ALA C 112 -1.39 6.09 -12.05
N GLY C 113 -1.42 4.87 -11.52
CA GLY C 113 -0.31 3.96 -11.72
C GLY C 113 -0.49 3.21 -13.02
N VAL C 114 0.56 2.54 -13.48
CA VAL C 114 0.48 1.69 -14.67
C VAL C 114 -0.01 0.31 -14.24
N PRO C 115 -1.00 -0.25 -14.98
CA PRO C 115 -1.48 -1.60 -14.65
C PRO C 115 -0.32 -2.56 -14.54
N GLY C 116 -0.30 -3.35 -13.47
CA GLY C 116 0.78 -4.27 -13.23
C GLY C 116 1.85 -3.68 -12.32
N HIS C 117 1.64 -2.45 -11.87
CA HIS C 117 2.56 -1.81 -10.96
C HIS C 117 1.79 -1.13 -9.84
N LYS C 118 2.45 -0.94 -8.70
CA LYS C 118 1.78 -0.35 -7.53
C LYS C 118 2.57 0.82 -6.95
N PRO C 119 2.57 1.97 -7.64
CA PRO C 119 3.26 3.14 -7.12
C PRO C 119 2.40 3.85 -6.09
N ILE C 120 2.12 3.16 -4.99
CA ILE C 120 1.16 3.69 -4.00
C ILE C 120 1.70 4.95 -3.34
N LEU C 121 2.95 4.90 -2.89
CA LEU C 121 3.55 6.05 -2.24
C LEU C 121 3.78 7.20 -3.21
N GLU C 122 4.24 6.89 -4.42
CA GLU C 122 4.53 7.91 -5.42
C GLU C 122 3.28 8.64 -5.87
N ALA C 123 2.19 7.89 -6.04
CA ALA C 123 0.92 8.49 -6.44
C ALA C 123 0.37 9.37 -5.34
N ALA C 124 0.51 8.90 -4.09
CA ALA C 124 0.09 9.69 -2.92
C ALA C 124 0.89 10.99 -2.84
N LEU C 125 2.20 10.90 -3.04
CA LEU C 125 3.03 12.11 -3.03
C LEU C 125 2.66 13.06 -4.16
N ALA C 126 2.41 12.52 -5.35
CA ALA C 126 1.99 13.33 -6.49
C ALA C 126 0.71 14.08 -6.13
N ALA C 127 -0.24 13.36 -5.55
CA ALA C 127 -1.50 14.01 -5.14
C ALA C 127 -1.30 15.10 -4.09
N GLU C 128 -0.42 14.86 -3.13
CA GLU C 128 -0.14 15.91 -2.14
C GLU C 128 0.45 17.15 -2.81
N MET C 129 1.41 16.95 -3.69
CA MET C 129 2.04 18.12 -4.34
C MET C 129 1.07 18.89 -5.20
N LEU C 130 0.19 18.20 -5.90
CA LEU C 130 -0.77 18.88 -6.78
C LEU C 130 -1.87 19.58 -6.00
N ARG C 131 -2.39 18.94 -4.95
CA ARG C 131 -3.34 19.57 -4.05
C ARG C 131 -2.74 20.81 -3.41
N ALA C 132 -1.46 20.74 -3.07
CA ALA C 132 -0.80 21.85 -2.38
C ALA C 132 -0.81 23.13 -3.21
N VAL C 133 -0.81 22.98 -4.53
CA VAL C 133 -0.76 24.15 -5.41
C VAL C 133 -2.09 24.41 -6.14
N GLY C 134 -3.17 23.80 -5.64
CA GLY C 134 -4.50 24.17 -6.06
C GLY C 134 -5.24 23.28 -7.04
N TRP C 135 -4.70 22.09 -7.33
CA TRP C 135 -5.38 21.18 -8.26
C TRP C 135 -6.34 20.24 -7.53
N SER C 136 -7.59 20.16 -8.00
CA SER C 136 -8.48 19.12 -7.52
C SER C 136 -8.00 17.82 -8.11
N THR C 137 -7.76 16.84 -7.25
CA THR C 137 -7.00 15.67 -7.66
C THR C 137 -7.73 14.40 -7.28
N SER C 138 -7.59 13.37 -8.11
CA SER C 138 -8.04 12.04 -7.74
CA SER C 138 -8.07 12.04 -7.78
C SER C 138 -6.95 11.07 -8.09
N VAL C 139 -6.98 9.90 -7.47
CA VAL C 139 -5.92 8.91 -7.63
C VAL C 139 -6.56 7.58 -7.97
N VAL C 140 -6.01 6.91 -8.98
CA VAL C 140 -6.51 5.59 -9.32
CA VAL C 140 -6.52 5.60 -9.39
C VAL C 140 -5.37 4.62 -9.59
N HIS C 141 -5.54 3.38 -9.11
CA HIS C 141 -4.63 2.30 -9.43
C HIS C 141 -5.47 1.35 -10.27
N PRO C 142 -5.42 1.52 -11.59
CA PRO C 142 -6.40 0.91 -12.50
C PRO C 142 -6.01 -0.51 -12.89
N GLU C 143 -7.01 -1.32 -13.20
CA GLU C 143 -6.78 -2.71 -13.62
C GLU C 143 -6.32 -2.77 -15.06
N SER C 144 -6.69 -1.77 -15.84
CA SER C 144 -6.48 -1.78 -17.29
C SER C 144 -6.59 -0.40 -17.88
N VAL C 145 -6.23 -0.28 -19.15
CA VAL C 145 -6.39 0.96 -19.90
C VAL C 145 -7.86 1.37 -19.97
N ALA C 146 -8.72 0.39 -20.23
CA ALA C 146 -10.16 0.63 -20.34
C ALA C 146 -10.74 1.21 -19.05
N ALA C 147 -10.38 0.63 -17.91
CA ALA C 147 -10.86 1.09 -16.62
C ALA C 147 -10.39 2.52 -16.34
N LEU C 148 -9.16 2.83 -16.74
CA LEU C 148 -8.63 4.18 -16.53
C LEU C 148 -9.36 5.18 -17.41
N ALA C 149 -9.55 4.82 -18.68
CA ALA C 149 -10.31 5.67 -19.60
C ALA C 149 -11.70 5.95 -19.05
N ALA C 150 -12.33 4.94 -18.45
CA ALA C 150 -13.65 5.12 -17.87
C ALA C 150 -13.63 6.16 -16.76
N ARG C 151 -12.61 6.10 -15.91
CA ARG C 151 -12.49 7.03 -14.79
C ARG C 151 -12.23 8.46 -15.29
N LEU C 152 -11.42 8.58 -16.33
CA LEU C 152 -11.13 9.89 -16.91
C LEU C 152 -12.40 10.55 -17.42
N LYS C 153 -13.25 9.74 -18.05
CA LYS C 153 -14.47 10.26 -18.68
C LYS C 153 -15.52 10.61 -17.64
N THR C 154 -15.67 9.76 -16.63
CA THR C 154 -16.67 9.98 -15.59
C THR C 154 -16.34 11.21 -14.73
N SER C 155 -15.07 11.38 -14.40
CA SER C 155 -14.65 12.49 -13.57
C SER C 155 -14.45 13.75 -14.40
N ARG C 156 -14.62 13.63 -15.72
CA ARG C 156 -14.39 14.73 -16.66
C ARG C 156 -13.04 15.39 -16.40
N THR C 157 -12.00 14.57 -16.39
CA THR C 157 -10.66 15.03 -16.10
C THR C 157 -9.85 14.89 -17.38
N SER C 158 -9.18 15.97 -17.80
CA SER C 158 -8.44 15.97 -19.05
CA SER C 158 -8.43 15.97 -19.05
C SER C 158 -6.92 15.99 -18.87
N THR C 159 -6.46 15.83 -17.63
CA THR C 159 -5.03 15.80 -17.37
C THR C 159 -4.69 14.56 -16.57
N LEU C 160 -3.78 13.76 -17.12
CA LEU C 160 -3.38 12.49 -16.51
C LEU C 160 -1.91 12.50 -16.12
N VAL C 161 -1.62 12.21 -14.85
CA VAL C 161 -0.24 12.07 -14.39
C VAL C 161 0.02 10.59 -14.14
N VAL C 162 1.02 10.03 -14.81
CA VAL C 162 1.37 8.62 -14.61
C VAL C 162 2.47 8.54 -13.56
N ALA C 163 2.13 8.00 -12.39
CA ALA C 163 3.09 7.91 -11.28
C ALA C 163 4.08 6.78 -11.52
N PRO C 164 5.38 7.08 -11.45
CA PRO C 164 6.36 6.02 -11.66
C PRO C 164 6.57 5.20 -10.40
N SER C 165 7.02 3.96 -10.54
CA SER C 165 7.38 3.15 -9.37
C SER C 165 8.89 3.20 -9.17
N LEU C 166 9.34 4.01 -8.21
CA LEU C 166 10.76 4.22 -8.01
C LEU C 166 11.50 2.98 -7.47
N LEU C 167 10.76 2.05 -6.89
CA LEU C 167 11.38 0.85 -6.30
C LEU C 167 11.03 -0.40 -7.09
N GLU C 168 10.56 -0.23 -8.31
CA GLU C 168 10.34 -1.38 -9.19
C GLU C 168 11.31 -1.28 -10.36
N GLY C 169 11.54 -2.41 -11.02
CA GLY C 169 12.57 -2.50 -12.05
C GLY C 169 12.24 -1.84 -13.37
N THR C 170 13.16 -1.98 -14.32
CA THR C 170 13.09 -1.30 -15.61
C THR C 170 12.03 -1.84 -16.57
N GLU C 171 11.40 -2.96 -16.25
CA GLU C 171 10.30 -3.46 -17.09
C GLU C 171 9.14 -2.46 -17.16
N GLN C 172 9.03 -1.61 -16.13
CA GLN C 172 7.95 -0.63 -16.07
C GLN C 172 8.05 0.45 -17.16
N GLU C 173 9.25 0.64 -17.71
CA GLU C 173 9.45 1.64 -18.77
C GLU C 173 8.72 1.20 -20.04
N ALA C 174 9.05 0.01 -20.54
CA ALA C 174 8.34 -0.53 -21.68
C ALA C 174 6.86 -0.66 -21.37
N ASP C 175 6.53 -1.01 -20.13
CA ASP C 175 5.13 -1.10 -19.73
C ASP C 175 4.43 0.26 -19.85
N THR C 176 5.14 1.32 -19.45
CA THR C 176 4.57 2.68 -19.48
C THR C 176 4.44 3.16 -20.92
N LEU C 177 5.43 2.84 -21.75
CA LEU C 177 5.35 3.17 -23.18
C LEU C 177 4.14 2.51 -23.83
N ARG C 178 3.94 1.22 -23.57
CA ARG C 178 2.78 0.52 -24.12
CA ARG C 178 2.78 0.51 -24.11
C ARG C 178 1.49 1.13 -23.58
N PHE C 179 1.53 1.58 -22.35
CA PHE C 179 0.40 2.18 -21.67
C PHE C 179 0.03 3.52 -22.32
N VAL C 180 1.02 4.39 -22.49
CA VAL C 180 0.79 5.67 -23.13
C VAL C 180 0.34 5.50 -24.59
N SER C 181 0.96 4.59 -25.31
CA SER C 181 0.57 4.30 -26.69
C SER C 181 -0.88 3.83 -26.77
N ALA C 182 -1.24 2.89 -25.90
CA ALA C 182 -2.58 2.36 -25.84
C ALA C 182 -3.60 3.48 -25.59
N LEU C 183 -3.28 4.38 -24.65
CA LEU C 183 -4.13 5.54 -24.39
C LEU C 183 -4.30 6.39 -25.65
N ARG C 184 -3.20 6.69 -26.33
CA ARG C 184 -3.24 7.52 -27.54
C ARG C 184 -3.95 6.82 -28.70
N ALA C 185 -3.89 5.50 -28.72
CA ALA C 185 -4.48 4.72 -29.80
C ALA C 185 -6.00 4.79 -29.75
N ARG C 186 -6.54 5.02 -28.55
CA ARG C 186 -7.99 5.17 -28.39
C ARG C 186 -8.47 6.44 -29.09
N THR C 187 -9.78 6.57 -29.26
CA THR C 187 -10.34 7.78 -29.84
C THR C 187 -11.30 8.49 -28.87
N ASP C 188 -11.47 7.89 -27.69
CA ASP C 188 -12.45 8.37 -26.72
C ASP C 188 -11.84 9.25 -25.63
N LEU C 189 -10.60 9.70 -25.85
CA LEU C 189 -9.94 10.59 -24.91
C LEU C 189 -9.34 11.83 -25.59
N PRO C 190 -10.15 12.55 -26.39
CA PRO C 190 -9.55 13.68 -27.11
C PRO C 190 -9.05 14.78 -26.19
N GLY C 191 -7.93 15.40 -26.55
CA GLY C 191 -7.40 16.52 -25.80
C GLY C 191 -6.74 16.16 -24.49
N LEU C 192 -6.56 14.87 -24.23
CA LEU C 192 -5.99 14.44 -22.96
C LEU C 192 -4.51 14.85 -22.87
N SER C 193 -4.13 15.50 -21.77
CA SER C 193 -2.72 15.79 -21.49
C SER C 193 -2.15 14.65 -20.65
N ILE C 194 -0.97 14.15 -21.03
CA ILE C 194 -0.34 13.05 -20.29
C ILE C 194 1.05 13.42 -19.83
N LEU C 195 1.32 13.24 -18.54
CA LEU C 195 2.64 13.49 -17.99
C LEU C 195 3.21 12.19 -17.48
N VAL C 196 4.47 11.93 -17.82
CA VAL C 196 5.16 10.73 -17.31
C VAL C 196 6.43 11.09 -16.56
N GLY C 197 6.86 10.18 -15.70
CA GLY C 197 8.05 10.39 -14.89
C GLY C 197 9.03 9.25 -15.01
N GLY C 198 9.86 9.07 -14.00
CA GLY C 198 10.85 8.00 -14.02
C GLY C 198 11.83 8.08 -15.18
N ARG C 199 12.38 6.94 -15.57
CA ARG C 199 13.38 6.88 -16.64
C ARG C 199 12.94 7.49 -17.98
N LEU C 200 11.66 7.40 -18.32
CA LEU C 200 11.19 7.94 -19.59
CA LEU C 200 11.21 7.93 -19.60
C LEU C 200 11.33 9.45 -19.66
N ALA C 201 11.17 10.11 -18.51
CA ALA C 201 11.25 11.56 -18.45
C ALA C 201 12.70 12.05 -18.44
N GLN C 202 13.64 11.11 -18.31
CA GLN C 202 15.04 11.47 -18.13
C GLN C 202 15.79 11.45 -19.44
N LEU C 203 15.09 11.05 -20.51
CA LEU C 203 15.64 11.08 -21.86
C LEU C 203 15.83 12.54 -22.29
N PRO C 204 16.64 12.76 -23.35
CA PRO C 204 16.65 14.09 -23.98
C PRO C 204 15.24 14.49 -24.42
N PRO C 205 14.84 15.74 -24.13
CA PRO C 205 13.48 16.25 -24.36
C PRO C 205 12.90 15.97 -25.75
N SER C 206 13.74 15.87 -26.77
CA SER C 206 13.27 15.61 -28.12
C SER C 206 12.64 14.22 -28.25
N LYS C 207 13.19 13.26 -27.52
CA LYS C 207 12.67 11.89 -27.51
C LYS C 207 11.29 11.80 -26.87
N LEU C 208 11.04 12.69 -25.92
CA LEU C 208 9.83 12.65 -25.09
C LEU C 208 8.55 12.72 -25.93
N LYS C 209 8.56 13.57 -26.95
CA LYS C 209 7.37 13.80 -27.78
C LYS C 209 6.91 12.55 -28.52
N ASP C 210 7.87 11.74 -28.96
CA ASP C 210 7.57 10.52 -29.71
C ASP C 210 6.73 9.51 -28.90
N SER C 211 6.97 9.47 -27.59
CA SER C 211 6.31 8.49 -26.73
C SER C 211 4.80 8.71 -26.61
N GLY C 212 4.36 9.94 -26.85
CA GLY C 212 2.95 10.27 -26.72
C GLY C 212 2.63 11.08 -25.48
N ALA C 213 3.65 11.31 -24.65
CA ALA C 213 3.45 12.12 -23.44
C ALA C 213 3.67 13.59 -23.79
N ASP C 214 2.99 14.47 -23.05
CA ASP C 214 3.07 15.90 -23.30
C ASP C 214 4.18 16.58 -22.50
N ALA C 215 4.56 15.97 -21.37
CA ALA C 215 5.66 16.48 -20.57
C ALA C 215 6.21 15.38 -19.69
N GLY C 216 7.44 15.57 -19.21
CA GLY C 216 8.07 14.60 -18.33
C GLY C 216 8.48 15.28 -17.05
N PHE C 217 8.43 14.55 -15.95
CA PHE C 217 9.04 15.02 -14.71
C PHE C 217 10.18 14.08 -14.33
N ALA C 218 11.41 14.58 -14.47
CA ALA C 218 12.61 13.74 -14.34
C ALA C 218 12.79 13.18 -12.93
N HIS C 219 12.23 13.89 -11.95
CA HIS C 219 12.16 13.42 -10.56
C HIS C 219 10.77 13.71 -10.08
N LEU C 220 10.33 12.99 -9.05
CA LEU C 220 8.97 13.14 -8.55
C LEU C 220 8.69 14.58 -8.14
N ALA C 221 9.65 15.23 -7.50
CA ALA C 221 9.46 16.60 -7.01
C ALA C 221 9.40 17.65 -8.14
N LEU C 222 9.73 17.24 -9.36
CA LEU C 222 9.61 18.14 -10.51
C LEU C 222 8.24 18.06 -11.19
N LEU C 223 7.33 17.29 -10.61
CA LEU C 223 5.98 17.19 -11.17
C LEU C 223 5.23 18.55 -11.25
N PRO C 224 5.25 19.36 -10.18
CA PRO C 224 4.52 20.63 -10.38
C PRO C 224 5.06 21.47 -11.53
N ALA C 225 6.37 21.51 -11.72
CA ALA C 225 6.94 22.27 -12.83
C ALA C 225 6.40 21.76 -14.16
N ALA C 226 6.34 20.44 -14.31
CA ALA C 226 5.85 19.83 -15.54
C ALA C 226 4.38 20.14 -15.78
N LEU C 227 3.58 20.07 -14.72
CA LEU C 227 2.16 20.34 -14.86
C LEU C 227 1.93 21.81 -15.23
N ALA C 228 2.71 22.70 -14.64
CA ALA C 228 2.60 24.11 -14.98
C ALA C 228 2.88 24.34 -16.47
N ARG C 229 3.87 23.64 -17.01
CA ARG C 229 4.21 23.79 -18.44
C ARG C 229 3.06 23.31 -19.33
N VAL C 230 2.50 22.15 -19.01
CA VAL C 230 1.41 21.57 -19.77
C VAL C 230 0.16 22.44 -19.70
N ALA C 231 -0.15 22.91 -18.50
CA ALA C 231 -1.34 23.75 -18.29
C ALA C 231 -1.25 25.06 -19.07
N SER C 232 -0.04 25.57 -19.26
CA SER C 232 0.18 26.79 -20.03
C SER C 232 -0.16 26.62 -21.51
N SER C 233 0.43 25.62 -22.16
CA SER C 233 0.26 25.44 -23.60
C SER C 233 -1.07 24.78 -23.99
#